data_3BQU
#
_entry.id   3BQU
#
_cell.length_a   67.440
_cell.length_b   98.330
_cell.length_c   154.390
_cell.angle_alpha   90.00
_cell.angle_beta   90.00
_cell.angle_gamma   90.00
#
_symmetry.space_group_name_H-M   'P 21 21 21'
#
loop_
_entity.id
_entity.type
_entity.pdbx_description
1 polymer "2F5 Fab' light chain"
2 polymer "2F5 Fab' heavy chain"
3 polymer '3H6 Fab light chain'
4 polymer '3H6 Fab heavy chain'
5 non-polymer 'SULFATE ION'
#
loop_
_entity_poly.entity_id
_entity_poly.type
_entity_poly.pdbx_seq_one_letter_code
_entity_poly.pdbx_strand_id
1 'polypeptide(L)'
;ALQLTQSPSSLSASVGDRITITCRASQGVTSALAWYRQKPGSPPQLLIYDASSLESGVPSRFSGSGSGTEFTLTISTLRP
EDFATYYCQQLHFYPHTFGGGTRVDVRRTVAAPSVFIFPPSDEQLKSGTASVVCLLNNFYPREAKVQWKVDNALQSGNSQ
ESVTEQDSKDSTYSLSSTLTLSKADYEKHKVYECEVTHQGLSSPVTKSFNRGEC
;
A
2 'polypeptide(L)'
;RITLKESGPPLVKPTQTLTLTCSFSGFSLSDFGVGVGWIRQPPGKALEWLAIIYSDDDKRYSPSLNTRLTITKDTSKNQV
VLVMTRVSPVDTATYFCAHRRGPTTLFGVPIARGPVNAMDVWGQGITVTISSTSTKGPSVFPLAPSSKSTAGGAAALGCL
VKDYFPEPVTVSWNSGALTSGVHTFPAVLQSSGLYSLSSVVTVPSSSLGTQTYTCNVNHKPSNTKVDKRVEPKSC
;
B
3 'polypeptide(L)'
;MTMFSLALLLSLLLLCVSDSGAETTVTQSPASLSMSIGEKVTIRCITSTDIDDDMNWYQQKPGEPPRLLISDGNTLRPGV
PSRFSSSGYGTDFVFTIENMLSEDVADYYCLQSDNLPYTFGGGTNLEIKRADAAPTVSIFPPSSEQLTSGGASVVCFLNN
FYPKDINVKWKIDGSERQNGVLNSWTDQDSKDSTYSMSSTLTLTKDEYERHNSYTCEATHKTSTSPIVKSFNR
;
C
4 'polypeptide(L)'
;MGWSWIFLFLLSGTAGVHSGVQLQQSGPELVKPGASVKMSCKASGYSFTDYFMHWVKQSHGKSLDWIGYINCYTGATNYS
QKFKGKATFTVDTSSNTAYMQFNSLTSEDSAVYYCARTSIGYGSSPPFPYWGQGTLVTVSAAKTTPPSVYPLAPGSAAQT
NSMVTLGCLVKGYFPEPVTVTWNSGSLSSGVHTFPAVLQSDLYTLSSSVTVPSSPRPSETVTCNVAHPASSTKVDKKIVP
R
;
D
#
loop_
_chem_comp.id
_chem_comp.type
_chem_comp.name
_chem_comp.formula
SO4 non-polymer 'SULFATE ION' 'O4 S -2'
#
# COMPACT_ATOMS: atom_id res chain seq x y z
N ALA A 1 -10.52 3.97 -4.22
CA ALA A 1 -10.51 4.20 -2.75
C ALA A 1 -11.84 4.81 -2.29
N LEU A 2 -12.10 4.72 -1.00
CA LEU A 2 -13.32 5.26 -0.41
C LEU A 2 -13.37 6.78 -0.53
N GLN A 3 -14.57 7.34 -0.63
CA GLN A 3 -14.75 8.78 -0.74
C GLN A 3 -15.79 9.35 0.21
N LEU A 4 -15.48 10.51 0.77
CA LEU A 4 -16.38 11.19 1.70
C LEU A 4 -16.76 12.54 1.09
N THR A 5 -17.90 12.57 0.40
CA THR A 5 -18.35 13.81 -0.22
C THR A 5 -19.31 14.56 0.70
N GLN A 6 -18.88 15.73 1.17
CA GLN A 6 -19.71 16.55 2.03
C GLN A 6 -20.66 17.40 1.20
N SER A 7 -21.86 17.59 1.70
CA SER A 7 -22.86 18.39 1.00
C SER A 7 -23.68 19.22 2.00
N PRO A 8 -23.76 20.54 1.77
CA PRO A 8 -23.13 21.26 0.67
C PRO A 8 -21.64 21.51 0.92
N SER A 9 -20.99 22.18 -0.04
CA SER A 9 -19.58 22.50 0.08
C SER A 9 -19.42 23.92 0.62
N SER A 10 -20.42 24.75 0.33
CA SER A 10 -20.42 26.15 0.77
C SER A 10 -21.87 26.58 0.97
N LEU A 11 -22.11 27.44 1.96
CA LEU A 11 -23.46 27.92 2.22
C LEU A 11 -23.47 29.29 2.91
N SER A 12 -24.64 29.93 2.88
CA SER A 12 -24.81 31.24 3.49
C SER A 12 -25.76 31.10 4.68
N ALA A 13 -25.42 31.77 5.78
CA ALA A 13 -26.25 31.69 6.98
C ALA A 13 -26.19 32.98 7.80
N SER A 14 -27.04 33.06 8.82
CA SER A 14 -27.11 34.23 9.69
C SER A 14 -26.88 33.81 11.13
N VAL A 15 -26.56 34.77 12.00
CA VAL A 15 -26.33 34.45 13.40
C VAL A 15 -27.66 33.96 14.00
N GLY A 16 -27.58 32.99 14.90
CA GLY A 16 -28.77 32.45 15.52
C GLY A 16 -29.65 31.73 14.52
N ASP A 17 -29.03 31.17 13.49
CA ASP A 17 -29.75 30.44 12.45
C ASP A 17 -29.69 28.92 12.63
N ARG A 18 -30.28 28.22 11.67
CA ARG A 18 -30.31 26.76 11.67
C ARG A 18 -29.73 26.23 10.36
N ILE A 19 -28.70 25.41 10.46
CA ILE A 19 -28.06 24.84 9.28
C ILE A 19 -27.82 23.35 9.43
N THR A 20 -27.58 22.69 8.30
CA THR A 20 -27.34 21.25 8.29
C THR A 20 -26.27 20.87 7.27
N ILE A 21 -25.31 20.06 7.72
CA ILE A 21 -24.22 19.61 6.86
C ILE A 21 -24.30 18.08 6.72
N THR A 22 -24.09 17.57 5.51
CA THR A 22 -24.15 16.14 5.27
C THR A 22 -22.80 15.57 4.87
N CYS A 23 -22.58 14.30 5.18
CA CYS A 23 -21.33 13.61 4.86
C CYS A 23 -21.69 12.24 4.31
N ARG A 24 -21.54 12.08 3.00
CA ARG A 24 -21.84 10.82 2.33
C ARG A 24 -20.60 10.03 2.00
N ALA A 25 -20.59 8.76 2.41
CA ALA A 25 -19.47 7.87 2.15
C ALA A 25 -19.86 6.86 1.09
N SER A 26 -18.94 6.54 0.20
CA SER A 26 -19.21 5.59 -0.88
C SER A 26 -19.39 4.17 -0.35
N GLN A 27 -18.96 3.94 0.89
CA GLN A 27 -19.07 2.61 1.50
C GLN A 27 -19.49 2.70 2.96
N GLY A 28 -20.11 1.63 3.45
CA GLY A 28 -20.55 1.61 4.84
C GLY A 28 -19.45 2.03 5.77
N VAL A 29 -19.81 2.66 6.89
CA VAL A 29 -18.84 3.14 7.87
C VAL A 29 -19.38 3.03 9.28
N THR A 30 -20.33 2.13 9.49
CA THR A 30 -20.96 1.94 10.81
C THR A 30 -21.28 3.30 11.43
N SER A 31 -20.65 3.62 12.56
CA SER A 31 -20.87 4.89 13.22
C SER A 31 -19.52 5.53 13.51
N ALA A 32 -18.52 5.16 12.71
CA ALA A 32 -17.17 5.66 12.86
C ALA A 32 -16.96 6.96 12.09
N LEU A 33 -17.70 8.00 12.47
CA LEU A 33 -17.57 9.29 11.82
C LEU A 33 -17.41 10.39 12.86
N ALA A 34 -16.73 11.47 12.46
CA ALA A 34 -16.49 12.60 13.34
C ALA A 34 -16.59 13.90 12.55
N TRP A 35 -16.89 14.98 13.26
CA TRP A 35 -16.99 16.29 12.62
C TRP A 35 -16.06 17.27 13.30
N TYR A 36 -15.38 18.08 12.50
CA TYR A 36 -14.46 19.07 13.03
C TYR A 36 -14.82 20.46 12.52
N ARG A 37 -14.58 21.46 13.36
CA ARG A 37 -14.85 22.85 12.98
C ARG A 37 -13.51 23.57 13.02
N GLN A 38 -13.03 23.97 11.84
CA GLN A 38 -11.75 24.67 11.77
C GLN A 38 -11.91 26.13 11.35
N LYS A 39 -11.15 26.99 12.01
CA LYS A 39 -11.16 28.41 11.71
C LYS A 39 -9.71 28.86 11.51
N PRO A 40 -9.45 29.59 10.43
CA PRO A 40 -8.12 30.11 10.07
C PRO A 40 -7.16 30.35 11.22
N GLY A 41 -5.91 29.93 11.04
CA GLY A 41 -4.90 30.10 12.05
C GLY A 41 -4.88 28.98 13.07
N SER A 42 -6.06 28.61 13.55
CA SER A 42 -6.18 27.55 14.53
C SER A 42 -6.50 26.21 13.89
N PRO A 43 -6.00 25.11 14.48
CA PRO A 43 -6.23 23.75 13.97
C PRO A 43 -7.69 23.35 14.10
N PRO A 44 -8.09 22.27 13.40
CA PRO A 44 -9.49 21.83 13.49
C PRO A 44 -9.86 21.46 14.92
N GLN A 45 -11.15 21.47 15.21
CA GLN A 45 -11.63 21.17 16.55
C GLN A 45 -12.72 20.10 16.49
N LEU A 46 -12.60 19.08 17.34
CA LEU A 46 -13.56 18.00 17.38
C LEU A 46 -14.90 18.44 17.95
N LEU A 47 -15.97 18.17 17.21
CA LEU A 47 -17.32 18.54 17.64
C LEU A 47 -18.10 17.29 18.04
N ILE A 48 -18.22 16.35 17.10
CA ILE A 48 -18.95 15.12 17.35
C ILE A 48 -18.18 13.88 16.90
N TYR A 49 -18.13 12.89 17.79
CA TYR A 49 -17.43 11.65 17.50
C TYR A 49 -18.42 10.48 17.62
N ASP A 50 -18.03 9.33 17.08
CA ASP A 50 -18.87 8.14 17.11
C ASP A 50 -20.20 8.44 16.41
N ALA A 51 -20.17 9.42 15.51
CA ALA A 51 -21.34 9.84 14.74
C ALA A 51 -22.36 10.64 15.53
N SER A 52 -22.77 10.14 16.69
CA SER A 52 -23.75 10.81 17.52
C SER A 52 -23.18 11.43 18.79
N SER A 53 -22.27 10.71 19.44
CA SER A 53 -21.67 11.19 20.68
C SER A 53 -21.08 12.59 20.54
N LEU A 54 -21.44 13.44 21.50
CA LEU A 54 -20.98 14.84 21.52
C LEU A 54 -19.73 14.96 22.40
N GLU A 55 -18.66 15.50 21.83
CA GLU A 55 -17.40 15.67 22.55
C GLU A 55 -17.55 16.47 23.85
N SER A 56 -16.55 16.36 24.71
CA SER A 56 -16.56 17.06 26.00
C SER A 56 -16.32 18.56 25.87
N GLY A 57 -17.12 19.34 26.59
CA GLY A 57 -16.99 20.78 26.56
C GLY A 57 -17.51 21.43 25.28
N VAL A 58 -18.11 20.64 24.42
CA VAL A 58 -18.64 21.15 23.16
C VAL A 58 -20.08 21.64 23.33
N PRO A 59 -20.42 22.78 22.72
CA PRO A 59 -21.76 23.35 22.81
C PRO A 59 -22.87 22.35 22.47
N SER A 60 -24.12 22.77 22.66
CA SER A 60 -25.25 21.90 22.40
C SER A 60 -25.89 22.16 21.04
N ARG A 61 -25.64 23.34 20.47
CA ARG A 61 -26.19 23.69 19.18
C ARG A 61 -25.66 22.72 18.12
N PHE A 62 -24.66 21.95 18.50
CA PHE A 62 -24.04 20.96 17.62
C PHE A 62 -24.65 19.59 17.84
N SER A 63 -25.33 19.07 16.83
CA SER A 63 -25.95 17.75 16.92
C SER A 63 -25.49 16.88 15.76
N GLY A 64 -25.33 15.59 16.02
CA GLY A 64 -24.88 14.68 14.98
C GLY A 64 -25.70 13.42 14.86
N SER A 65 -26.19 13.15 13.65
CA SER A 65 -27.00 11.97 13.39
C SER A 65 -26.46 11.22 12.17
N GLY A 66 -27.31 10.36 11.60
CA GLY A 66 -26.91 9.58 10.45
C GLY A 66 -26.20 8.30 10.84
N SER A 67 -26.13 7.37 9.90
CA SER A 67 -25.47 6.09 10.14
C SER A 67 -25.39 5.31 8.83
N GLY A 68 -24.34 4.52 8.68
CA GLY A 68 -24.18 3.74 7.48
C GLY A 68 -23.39 4.45 6.40
N THR A 69 -24.09 4.98 5.40
CA THR A 69 -23.44 5.67 4.30
C THR A 69 -23.75 7.16 4.21
N GLU A 70 -24.40 7.71 5.22
CA GLU A 70 -24.71 9.13 5.22
C GLU A 70 -25.05 9.64 6.61
N PHE A 71 -24.40 10.75 6.98
CA PHE A 71 -24.60 11.36 8.29
C PHE A 71 -24.87 12.85 8.10
N THR A 72 -25.26 13.53 9.18
CA THR A 72 -25.54 14.95 9.10
C THR A 72 -25.21 15.70 10.39
N LEU A 73 -24.56 16.85 10.23
CA LEU A 73 -24.20 17.69 11.36
C LEU A 73 -25.19 18.85 11.38
N THR A 74 -25.92 19.00 12.48
CA THR A 74 -26.90 20.07 12.57
C THR A 74 -26.59 21.09 13.65
N ILE A 75 -26.67 22.37 13.27
CA ILE A 75 -26.40 23.47 14.19
C ILE A 75 -27.73 24.17 14.48
N SER A 76 -28.24 23.97 15.69
CA SER A 76 -29.51 24.58 16.10
C SER A 76 -29.49 26.10 15.93
N THR A 77 -28.77 26.77 16.81
CA THR A 77 -28.66 28.23 16.76
C THR A 77 -27.22 28.63 16.45
N LEU A 78 -27.01 29.14 15.24
CA LEU A 78 -25.67 29.55 14.81
C LEU A 78 -25.08 30.73 15.56
N ARG A 79 -24.08 30.46 16.38
CA ARG A 79 -23.40 31.51 17.13
C ARG A 79 -22.39 32.16 16.21
N PRO A 80 -21.73 33.24 16.66
CA PRO A 80 -20.74 33.92 15.80
C PRO A 80 -19.53 33.04 15.46
N GLU A 81 -18.84 32.57 16.49
CA GLU A 81 -17.66 31.74 16.33
C GLU A 81 -17.86 30.56 15.39
N ASP A 82 -19.12 30.14 15.23
CA ASP A 82 -19.43 29.00 14.38
C ASP A 82 -19.22 29.22 12.88
N PHE A 83 -18.88 30.45 12.49
CA PHE A 83 -18.66 30.75 11.08
C PHE A 83 -17.26 30.32 10.67
N ALA A 84 -17.16 29.16 10.04
CA ALA A 84 -15.87 28.62 9.61
C ALA A 84 -16.07 27.44 8.68
N THR A 85 -15.05 26.60 8.58
CA THR A 85 -15.11 25.41 7.72
C THR A 85 -15.24 24.14 8.56
N TYR A 86 -16.10 23.24 8.11
CA TYR A 86 -16.32 21.98 8.82
C TYR A 86 -15.95 20.78 7.97
N TYR A 87 -15.32 19.79 8.59
CA TYR A 87 -14.92 18.57 7.89
C TYR A 87 -15.47 17.34 8.60
N CYS A 88 -15.56 16.24 7.88
CA CYS A 88 -16.03 14.99 8.46
C CYS A 88 -15.01 13.91 8.16
N GLN A 89 -14.66 13.13 9.18
CA GLN A 89 -13.69 12.06 9.03
C GLN A 89 -14.26 10.69 9.38
N GLN A 90 -13.93 9.70 8.56
CA GLN A 90 -14.39 8.34 8.79
C GLN A 90 -13.18 7.59 9.34
N LEU A 91 -13.41 6.71 10.32
CA LEU A 91 -12.30 5.96 10.90
C LEU A 91 -12.53 4.45 10.85
N HIS A 92 -13.47 4.02 10.01
CA HIS A 92 -13.76 2.60 9.89
C HIS A 92 -12.68 1.89 9.08
N PHE A 93 -12.29 2.46 7.95
CA PHE A 93 -11.25 1.88 7.12
C PHE A 93 -10.03 2.80 7.08
N TYR A 94 -8.92 2.28 6.57
CA TYR A 94 -7.72 3.09 6.45
C TYR A 94 -7.51 3.36 4.96
N PRO A 95 -7.13 4.60 4.60
CA PRO A 95 -6.90 5.72 5.51
C PRO A 95 -8.16 6.32 6.10
N HIS A 96 -8.01 7.03 7.22
CA HIS A 96 -9.15 7.68 7.87
C HIS A 96 -9.43 8.95 7.08
N THR A 97 -9.96 8.76 5.87
CA THR A 97 -10.29 9.86 4.98
C THR A 97 -11.06 11.00 5.62
N PHE A 98 -10.73 12.23 5.22
CA PHE A 98 -11.41 13.42 5.70
C PHE A 98 -12.37 13.87 4.62
N GLY A 99 -13.26 14.80 4.96
CA GLY A 99 -14.21 15.31 3.98
C GLY A 99 -13.58 16.45 3.21
N GLY A 100 -14.26 16.90 2.16
CA GLY A 100 -13.74 17.99 1.36
C GLY A 100 -13.81 19.32 2.09
N GLY A 101 -14.80 19.45 2.97
CA GLY A 101 -14.96 20.68 3.73
C GLY A 101 -16.19 21.45 3.31
N THR A 102 -16.73 22.26 4.21
CA THR A 102 -17.91 23.07 3.92
C THR A 102 -17.70 24.48 4.45
N ARG A 103 -17.81 25.46 3.58
CA ARG A 103 -17.62 26.86 3.95
C ARG A 103 -18.90 27.50 4.49
N VAL A 104 -18.86 27.95 5.73
CA VAL A 104 -20.01 28.59 6.36
C VAL A 104 -19.66 30.06 6.63
N ASP A 105 -20.08 30.94 5.72
CA ASP A 105 -19.82 32.38 5.89
C ASP A 105 -21.03 33.11 6.43
N VAL A 106 -21.10 34.42 6.19
CA VAL A 106 -22.22 35.22 6.66
C VAL A 106 -23.11 35.65 5.52
N ARG A 107 -24.42 35.43 5.66
CA ARG A 107 -25.37 35.80 4.63
C ARG A 107 -25.64 37.30 4.68
N ARG A 108 -25.47 37.97 3.54
CA ARG A 108 -25.67 39.40 3.46
C ARG A 108 -26.14 39.82 2.07
N THR A 109 -26.89 40.91 1.98
CA THR A 109 -27.41 41.40 0.71
C THR A 109 -26.32 41.45 -0.36
N VAL A 110 -26.71 41.18 -1.61
CA VAL A 110 -25.74 41.22 -2.71
C VAL A 110 -24.95 42.52 -2.65
N ALA A 111 -23.71 42.47 -3.13
CA ALA A 111 -22.85 43.64 -3.13
C ALA A 111 -21.87 43.59 -4.29
N ALA A 112 -22.16 44.36 -5.34
CA ALA A 112 -21.29 44.40 -6.51
C ALA A 112 -19.92 44.94 -6.13
N PRO A 113 -18.85 44.37 -6.70
CA PRO A 113 -17.48 44.79 -6.43
C PRO A 113 -17.10 46.09 -7.14
N SER A 114 -16.07 46.75 -6.61
CA SER A 114 -15.57 47.99 -7.18
C SER A 114 -14.24 47.67 -7.84
N VAL A 115 -14.24 47.61 -9.17
CA VAL A 115 -13.05 47.28 -9.94
C VAL A 115 -12.08 48.43 -10.13
N PHE A 116 -10.82 48.19 -9.75
CA PHE A 116 -9.75 49.17 -9.89
C PHE A 116 -8.60 48.53 -10.67
N ILE A 117 -8.31 49.07 -11.84
CA ILE A 117 -7.22 48.55 -12.66
C ILE A 117 -5.94 49.32 -12.39
N PHE A 118 -4.83 48.60 -12.23
CA PHE A 118 -3.55 49.23 -11.97
C PHE A 118 -2.52 48.83 -13.02
N PRO A 119 -2.03 49.81 -13.79
CA PRO A 119 -1.04 49.56 -14.83
C PRO A 119 0.33 49.25 -14.24
N PRO A 120 1.23 48.66 -15.04
CA PRO A 120 2.56 48.35 -14.51
C PRO A 120 3.34 49.63 -14.33
N SER A 121 3.73 49.92 -13.10
CA SER A 121 4.48 51.13 -12.81
C SER A 121 5.88 51.02 -13.40
N ASP A 122 6.47 52.16 -13.73
CA ASP A 122 7.83 52.16 -14.25
C ASP A 122 8.65 51.62 -13.08
N GLU A 123 9.96 51.74 -13.13
CA GLU A 123 10.79 51.23 -12.03
C GLU A 123 10.77 49.72 -12.11
N GLN A 124 9.59 49.16 -12.37
CA GLN A 124 9.42 47.73 -12.50
C GLN A 124 9.76 47.34 -13.93
N LEU A 125 9.28 48.15 -14.88
CA LEU A 125 9.55 47.89 -16.28
C LEU A 125 11.06 47.95 -16.48
N LYS A 126 11.73 48.65 -15.58
CA LYS A 126 13.18 48.79 -15.64
C LYS A 126 13.86 47.47 -15.27
N SER A 127 13.07 46.41 -15.20
CA SER A 127 13.59 45.09 -14.85
C SER A 127 13.07 44.04 -15.83
N GLY A 128 12.47 44.51 -16.93
CA GLY A 128 11.96 43.61 -17.94
C GLY A 128 10.59 43.00 -17.72
N THR A 129 10.10 43.04 -16.48
CA THR A 129 8.79 42.46 -16.18
C THR A 129 7.73 43.51 -15.86
N ALA A 130 6.52 43.26 -16.34
CA ALA A 130 5.41 44.17 -16.12
C ALA A 130 4.26 43.44 -15.43
N SER A 131 3.68 44.10 -14.42
CA SER A 131 2.57 43.52 -13.69
C SER A 131 1.33 44.41 -13.78
N VAL A 132 0.20 43.81 -14.13
CA VAL A 132 -1.05 44.54 -14.25
C VAL A 132 -2.04 43.93 -13.26
N VAL A 133 -2.22 44.59 -12.13
CA VAL A 133 -3.13 44.11 -11.09
C VAL A 133 -4.51 44.76 -11.17
N CYS A 134 -5.54 43.96 -10.91
CA CYS A 134 -6.91 44.44 -10.93
C CYS A 134 -7.48 44.20 -9.55
N LEU A 135 -8.33 45.11 -9.08
CA LEU A 135 -8.89 44.98 -7.74
C LEU A 135 -10.41 45.05 -7.65
N LEU A 136 -11.00 44.00 -7.08
CA LEU A 136 -12.43 43.92 -6.84
C LEU A 136 -12.52 44.15 -5.35
N ASN A 137 -13.22 45.20 -4.93
CA ASN A 137 -13.29 45.49 -3.51
C ASN A 137 -14.69 45.42 -2.91
N ASN A 138 -14.75 44.77 -1.74
CA ASN A 138 -15.98 44.61 -0.99
C ASN A 138 -17.17 44.22 -1.85
N PHE A 139 -17.28 42.90 -2.09
CA PHE A 139 -18.37 42.36 -2.88
C PHE A 139 -18.96 41.15 -2.17
N TYR A 140 -20.04 40.60 -2.73
CA TYR A 140 -20.70 39.44 -2.14
C TYR A 140 -21.68 38.82 -3.12
N PRO A 141 -21.71 37.48 -3.22
CA PRO A 141 -20.90 36.50 -2.50
C PRO A 141 -19.42 36.46 -2.89
N ARG A 142 -18.71 35.49 -2.31
CA ARG A 142 -17.29 35.29 -2.55
C ARG A 142 -17.06 34.84 -4.00
N GLU A 143 -18.14 34.43 -4.65
CA GLU A 143 -18.08 33.96 -6.03
C GLU A 143 -18.00 35.13 -7.01
N ALA A 144 -16.89 35.22 -7.73
CA ALA A 144 -16.68 36.28 -8.71
C ALA A 144 -15.44 35.95 -9.53
N LYS A 145 -15.44 36.29 -10.82
CA LYS A 145 -14.29 36.00 -11.66
C LYS A 145 -13.78 37.20 -12.45
N VAL A 146 -12.49 37.19 -12.75
CA VAL A 146 -11.84 38.25 -13.51
C VAL A 146 -11.40 37.73 -14.86
N GLN A 147 -11.49 38.57 -15.89
CA GLN A 147 -11.10 38.18 -17.23
C GLN A 147 -10.28 39.30 -17.88
N TRP A 148 -8.99 39.02 -18.09
CA TRP A 148 -8.10 40.01 -18.68
C TRP A 148 -8.15 40.03 -20.20
N LYS A 149 -7.99 41.23 -20.77
CA LYS A 149 -8.01 41.40 -22.21
C LYS A 149 -6.93 42.39 -22.64
N VAL A 150 -6.19 42.03 -23.68
CA VAL A 150 -5.13 42.88 -24.20
C VAL A 150 -5.45 43.18 -25.67
N ASP A 151 -6.08 44.33 -25.90
CA ASP A 151 -6.49 44.74 -27.24
C ASP A 151 -7.55 43.74 -27.70
N ASN A 152 -8.44 43.39 -26.77
CA ASN A 152 -9.53 42.45 -27.02
C ASN A 152 -9.02 41.02 -27.18
N ALA A 153 -7.87 40.75 -26.58
CA ALA A 153 -7.26 39.43 -26.64
C ALA A 153 -7.42 38.77 -25.28
N LEU A 154 -8.42 37.90 -25.16
CA LEU A 154 -8.69 37.20 -23.91
C LEU A 154 -7.45 36.45 -23.45
N GLN A 155 -6.90 36.85 -22.30
CA GLN A 155 -5.71 36.19 -21.77
C GLN A 155 -6.13 34.92 -21.05
N SER A 156 -5.17 34.05 -20.77
CA SER A 156 -5.47 32.79 -20.08
C SER A 156 -4.22 32.04 -19.65
N GLY A 157 -4.17 31.68 -18.37
CA GLY A 157 -3.03 30.94 -17.85
C GLY A 157 -1.89 31.79 -17.33
N ASN A 158 -1.88 33.06 -17.71
CA ASN A 158 -0.83 33.99 -17.28
C ASN A 158 -1.36 34.98 -16.25
N SER A 159 -2.29 34.55 -15.41
CA SER A 159 -2.86 35.42 -14.40
C SER A 159 -3.25 34.69 -13.12
N GLN A 160 -2.70 35.15 -12.00
CA GLN A 160 -3.00 34.57 -10.69
C GLN A 160 -3.84 35.56 -9.91
N GLU A 161 -4.60 35.07 -8.94
CA GLU A 161 -5.43 35.95 -8.13
C GLU A 161 -5.54 35.42 -6.70
N SER A 162 -5.87 36.32 -5.79
CA SER A 162 -6.00 35.96 -4.38
C SER A 162 -7.27 36.59 -3.83
N VAL A 163 -7.82 35.98 -2.78
CA VAL A 163 -9.04 36.50 -2.15
C VAL A 163 -8.84 36.67 -0.66
N THR A 164 -9.48 37.70 -0.11
CA THR A 164 -9.37 38.00 1.31
C THR A 164 -10.40 37.28 2.17
N GLU A 165 -10.23 37.37 3.49
CA GLU A 165 -11.14 36.75 4.45
C GLU A 165 -12.31 37.70 4.66
N GLN A 166 -13.51 37.14 4.82
CA GLN A 166 -14.70 37.96 5.04
C GLN A 166 -14.44 38.92 6.18
N ASP A 167 -14.67 40.20 5.94
CA ASP A 167 -14.43 41.23 6.95
C ASP A 167 -15.28 41.02 8.20
N SER A 168 -14.64 41.16 9.36
CA SER A 168 -15.31 40.98 10.65
C SER A 168 -16.47 41.95 10.85
N LYS A 169 -16.54 42.97 10.00
CA LYS A 169 -17.62 43.94 10.09
C LYS A 169 -18.35 44.05 8.76
N ASP A 170 -17.61 44.37 7.70
CA ASP A 170 -18.19 44.49 6.36
C ASP A 170 -18.82 43.17 5.96
N SER A 171 -18.26 42.07 6.44
CA SER A 171 -18.74 40.73 6.10
C SER A 171 -18.77 40.62 4.59
N THR A 172 -17.83 41.30 3.94
CA THR A 172 -17.72 41.31 2.49
C THR A 172 -16.41 40.66 2.06
N TYR A 173 -16.17 40.65 0.75
CA TYR A 173 -14.96 40.06 0.20
C TYR A 173 -14.26 40.99 -0.78
N SER A 174 -13.01 40.67 -1.09
CA SER A 174 -12.21 41.45 -2.04
C SER A 174 -11.21 40.54 -2.74
N LEU A 175 -11.12 40.70 -4.06
CA LEU A 175 -10.23 39.88 -4.86
C LEU A 175 -9.13 40.73 -5.51
N SER A 176 -7.93 40.17 -5.56
CA SER A 176 -6.79 40.85 -6.16
C SER A 176 -6.21 39.98 -7.27
N SER A 177 -6.35 40.42 -8.51
CA SER A 177 -5.83 39.68 -9.66
C SER A 177 -4.53 40.32 -10.11
N THR A 178 -3.76 39.59 -10.91
CA THR A 178 -2.48 40.10 -11.40
C THR A 178 -2.12 39.47 -12.74
N LEU A 179 -2.08 40.30 -13.77
CA LEU A 179 -1.73 39.85 -15.11
C LEU A 179 -0.24 40.07 -15.34
N THR A 180 0.55 39.00 -15.29
CA THR A 180 1.98 39.12 -15.48
C THR A 180 2.38 38.89 -16.93
N LEU A 181 3.05 39.88 -17.50
CA LEU A 181 3.51 39.81 -18.89
C LEU A 181 4.89 40.42 -19.00
N SER A 182 5.70 39.91 -19.92
CA SER A 182 7.04 40.42 -20.12
C SER A 182 6.94 41.85 -20.63
N LYS A 183 7.86 42.71 -20.21
CA LYS A 183 7.86 44.11 -20.64
C LYS A 183 7.73 44.19 -22.14
N ALA A 184 8.47 43.33 -22.84
CA ALA A 184 8.44 43.30 -24.30
C ALA A 184 7.01 43.14 -24.80
N ASP A 185 6.36 42.06 -24.40
CA ASP A 185 4.98 41.79 -24.81
C ASP A 185 4.06 42.94 -24.41
N TYR A 186 4.33 43.52 -23.25
CA TYR A 186 3.51 44.64 -22.76
C TYR A 186 3.61 45.83 -23.69
N GLU A 187 4.84 46.26 -23.98
CA GLU A 187 5.10 47.41 -24.84
C GLU A 187 4.27 47.41 -26.12
N LYS A 188 4.32 46.30 -26.85
CA LYS A 188 3.61 46.14 -28.11
C LYS A 188 2.12 46.50 -28.02
N HIS A 189 1.36 45.71 -27.27
CA HIS A 189 -0.06 45.96 -27.11
C HIS A 189 -0.29 47.28 -26.36
N LYS A 190 -1.51 47.78 -26.35
CA LYS A 190 -1.80 49.05 -25.67
C LYS A 190 -3.06 49.11 -24.82
N VAL A 191 -4.13 48.48 -25.28
CA VAL A 191 -5.39 48.50 -24.55
C VAL A 191 -5.51 47.36 -23.55
N TYR A 192 -5.30 47.67 -22.26
CA TYR A 192 -5.39 46.67 -21.20
C TYR A 192 -6.70 46.84 -20.46
N GLU A 193 -7.46 45.74 -20.37
CA GLU A 193 -8.76 45.76 -19.72
C GLU A 193 -8.93 44.66 -18.68
N CYS A 194 -9.82 44.88 -17.72
CA CYS A 194 -10.10 43.91 -16.68
C CYS A 194 -11.61 43.77 -16.51
N GLU A 195 -12.21 42.83 -17.24
CA GLU A 195 -13.65 42.60 -17.18
C GLU A 195 -14.04 41.67 -16.03
N VAL A 196 -14.82 42.20 -15.09
CA VAL A 196 -15.25 41.44 -13.92
C VAL A 196 -16.72 41.04 -14.02
N THR A 197 -17.00 39.76 -13.78
CA THR A 197 -18.35 39.23 -13.82
C THR A 197 -18.77 38.84 -12.40
N HIS A 198 -19.88 39.41 -11.94
CA HIS A 198 -20.37 39.12 -10.60
C HIS A 198 -21.88 39.25 -10.53
N GLN A 199 -22.50 38.44 -9.67
CA GLN A 199 -23.95 38.43 -9.47
C GLN A 199 -24.52 39.85 -9.34
N GLY A 200 -23.95 40.63 -8.43
CA GLY A 200 -24.44 41.98 -8.20
C GLY A 200 -24.24 42.97 -9.34
N LEU A 201 -24.09 42.47 -10.55
CA LEU A 201 -23.89 43.34 -11.71
C LEU A 201 -24.85 42.98 -12.85
N SER A 202 -25.78 43.88 -13.12
CA SER A 202 -26.75 43.69 -14.19
C SER A 202 -26.04 43.28 -15.47
N SER A 203 -24.78 43.68 -15.58
CA SER A 203 -23.96 43.35 -16.75
C SER A 203 -22.50 43.45 -16.35
N PRO A 204 -21.61 42.78 -17.09
CA PRO A 204 -20.18 42.82 -16.77
C PRO A 204 -19.56 44.20 -16.88
N VAL A 205 -18.78 44.58 -15.87
CA VAL A 205 -18.11 45.88 -15.85
C VAL A 205 -16.69 45.70 -16.35
N THR A 206 -16.17 46.70 -17.05
CA THR A 206 -14.82 46.63 -17.59
C THR A 206 -14.03 47.92 -17.39
N LYS A 207 -12.88 47.80 -16.73
CA LYS A 207 -12.02 48.93 -16.47
C LYS A 207 -10.79 48.80 -17.37
N SER A 208 -10.47 49.85 -18.13
CA SER A 208 -9.34 49.79 -19.04
C SER A 208 -8.47 51.04 -19.03
N PHE A 209 -7.26 50.88 -19.58
CA PHE A 209 -6.30 51.97 -19.69
C PHE A 209 -5.41 51.72 -20.90
N ASN A 210 -4.61 52.72 -21.27
CA ASN A 210 -3.71 52.60 -22.40
C ASN A 210 -2.28 52.90 -21.96
N ARG A 211 -1.31 52.27 -22.59
CA ARG A 211 0.08 52.50 -22.23
C ARG A 211 0.49 53.92 -22.62
N ARG B 1 -5.32 17.86 31.32
CA ARG B 1 -5.19 18.64 30.05
C ARG B 1 -4.11 18.05 29.15
N ILE B 2 -4.50 17.66 27.94
CA ILE B 2 -3.55 17.11 26.97
C ILE B 2 -3.04 18.19 26.04
N THR B 3 -1.74 18.15 25.74
CA THR B 3 -1.12 19.12 24.86
C THR B 3 -0.29 18.43 23.78
N LEU B 4 -0.24 19.05 22.60
CA LEU B 4 0.51 18.51 21.48
C LEU B 4 1.25 19.64 20.76
N LYS B 5 2.43 19.34 20.24
CA LYS B 5 3.22 20.35 19.53
C LYS B 5 4.12 19.75 18.47
N GLU B 6 3.96 20.21 17.23
CA GLU B 6 4.75 19.74 16.11
C GLU B 6 6.08 20.50 16.06
N SER B 7 7.16 19.77 15.79
CA SER B 7 8.48 20.38 15.71
C SER B 7 9.23 19.82 14.50
N GLY B 8 10.07 20.64 13.90
CA GLY B 8 10.84 20.20 12.75
C GLY B 8 11.24 21.35 11.83
N PRO B 9 12.01 21.05 10.77
CA PRO B 9 12.46 22.07 9.82
C PRO B 9 11.29 22.83 9.17
N PRO B 10 11.33 24.16 9.20
CA PRO B 10 10.26 24.95 8.61
C PRO B 10 10.42 25.03 7.09
N LEU B 11 11.60 24.66 6.62
CA LEU B 11 11.90 24.68 5.19
C LEU B 11 12.74 23.47 4.80
N VAL B 12 12.48 22.93 3.61
CA VAL B 12 13.21 21.77 3.10
C VAL B 12 13.27 21.82 1.58
N LYS B 13 14.37 21.33 1.02
CA LYS B 13 14.54 21.33 -0.44
C LYS B 13 14.05 20.02 -1.04
N PRO B 14 13.49 20.08 -2.25
CA PRO B 14 12.99 18.89 -2.95
C PRO B 14 13.93 17.70 -2.85
N THR B 15 13.36 16.50 -2.94
CA THR B 15 14.11 15.24 -2.86
C THR B 15 14.60 14.92 -1.45
N GLN B 16 15.05 15.94 -0.71
CA GLN B 16 15.53 15.72 0.65
C GLN B 16 14.47 15.04 1.51
N THR B 17 14.83 14.77 2.76
CA THR B 17 13.89 14.11 3.67
C THR B 17 13.45 15.03 4.81
N LEU B 18 12.17 14.99 5.12
CA LEU B 18 11.60 15.81 6.18
C LEU B 18 11.33 14.97 7.42
N THR B 19 11.72 15.50 8.59
CA THR B 19 11.50 14.80 9.84
C THR B 19 10.75 15.68 10.83
N LEU B 20 9.50 15.33 11.08
CA LEU B 20 8.67 16.09 12.01
C LEU B 20 8.49 15.31 13.31
N THR B 21 8.52 16.01 14.44
CA THR B 21 8.38 15.38 15.73
C THR B 21 7.15 15.91 16.48
N CYS B 22 6.45 15.01 17.17
CA CYS B 22 5.25 15.40 17.90
C CYS B 22 5.48 15.27 19.40
N SER B 23 5.70 16.41 20.06
CA SER B 23 5.92 16.41 21.51
C SER B 23 4.56 16.50 22.18
N PHE B 24 4.34 15.68 23.20
CA PHE B 24 3.06 15.67 23.89
C PHE B 24 3.17 15.33 25.37
N SER B 25 2.11 15.67 26.10
CA SER B 25 2.03 15.40 27.53
C SER B 25 0.55 15.34 27.93
N GLY B 26 0.23 14.47 28.88
CA GLY B 26 -1.14 14.32 29.32
C GLY B 26 -1.61 12.90 29.11
N PHE B 27 -0.70 12.08 28.58
CA PHE B 27 -0.97 10.67 28.32
C PHE B 27 0.32 10.04 27.81
N SER B 28 0.41 8.71 27.91
CA SER B 28 1.61 8.01 27.45
C SER B 28 1.25 6.89 26.49
N LEU B 29 2.16 6.58 25.56
CA LEU B 29 1.92 5.52 24.59
C LEU B 29 1.85 4.19 25.34
N SER B 30 1.97 4.26 26.66
CA SER B 30 1.90 3.09 27.50
C SER B 30 0.42 2.84 27.74
N ASP B 31 -0.37 3.88 27.50
CA ASP B 31 -1.82 3.80 27.67
C ASP B 31 -2.37 2.84 26.62
N PHE B 32 -3.41 2.08 26.98
CA PHE B 32 -4.00 1.13 26.06
C PHE B 32 -4.83 1.79 24.97
N GLY B 33 -4.75 1.21 23.76
CA GLY B 33 -5.51 1.71 22.63
C GLY B 33 -5.36 3.17 22.25
N VAL B 34 -4.30 3.82 22.71
CA VAL B 34 -4.08 5.23 22.39
C VAL B 34 -3.12 5.40 21.22
N GLY B 35 -3.48 6.27 20.28
CA GLY B 35 -2.63 6.49 19.13
C GLY B 35 -2.41 7.96 18.83
N VAL B 36 -1.42 8.24 17.98
CA VAL B 36 -1.09 9.61 17.59
C VAL B 36 -0.91 9.67 16.07
N GLY B 37 -1.84 10.32 15.39
CA GLY B 37 -1.75 10.42 13.94
C GLY B 37 -1.36 11.79 13.44
N TRP B 38 -1.07 11.87 12.14
CA TRP B 38 -0.68 13.13 11.52
C TRP B 38 -1.65 13.54 10.41
N ILE B 39 -1.95 14.83 10.36
CA ILE B 39 -2.85 15.37 9.35
C ILE B 39 -2.21 16.58 8.70
N ARG B 40 -2.06 16.52 7.38
CA ARG B 40 -1.46 17.58 6.60
C ARG B 40 -2.53 18.49 5.99
N GLN B 41 -2.16 19.72 5.69
CA GLN B 41 -3.11 20.67 5.09
C GLN B 41 -2.41 21.73 4.24
N PRO B 42 -2.44 21.56 2.90
CA PRO B 42 -1.82 22.51 1.97
C PRO B 42 -2.48 23.88 2.07
N PRO B 43 -1.77 24.93 1.59
CA PRO B 43 -2.35 26.27 1.65
C PRO B 43 -3.71 26.33 0.98
N GLY B 44 -4.71 26.77 1.74
CA GLY B 44 -6.06 26.88 1.21
C GLY B 44 -6.62 25.58 0.66
N LYS B 45 -6.30 24.47 1.31
CA LYS B 45 -6.78 23.16 0.88
C LYS B 45 -7.40 22.41 2.05
N ALA B 46 -8.05 21.29 1.74
CA ALA B 46 -8.69 20.48 2.77
C ALA B 46 -7.68 19.64 3.55
N LEU B 47 -8.15 19.03 4.62
CA LEU B 47 -7.30 18.20 5.46
C LEU B 47 -7.01 16.86 4.80
N GLU B 48 -5.76 16.40 4.92
CA GLU B 48 -5.38 15.12 4.37
C GLU B 48 -4.72 14.27 5.45
N TRP B 49 -5.32 13.11 5.70
CA TRP B 49 -4.81 12.19 6.71
C TRP B 49 -3.50 11.59 6.21
N LEU B 50 -2.45 11.66 7.03
CA LEU B 50 -1.16 11.13 6.65
C LEU B 50 -0.88 9.74 7.21
N ALA B 51 -0.87 9.64 8.54
CA ALA B 51 -0.61 8.36 9.19
C ALA B 51 -1.06 8.40 10.65
N ILE B 52 -0.90 7.28 11.34
CA ILE B 52 -1.29 7.19 12.75
C ILE B 52 -0.60 5.99 13.38
N ILE B 53 -0.04 6.17 14.56
CA ILE B 53 0.63 5.09 15.27
C ILE B 53 -0.05 4.89 16.61
N TYR B 54 -0.06 3.64 17.09
CA TYR B 54 -0.70 3.35 18.37
C TYR B 54 0.28 2.85 19.43
N SER B 55 -0.19 2.82 20.66
CA SER B 55 0.61 2.37 21.79
C SER B 55 1.26 1.02 21.50
N ASP B 56 0.50 0.15 20.85
CA ASP B 56 0.98 -1.18 20.49
C ASP B 56 1.93 -1.16 19.29
N ASP B 57 2.43 0.04 18.97
CA ASP B 57 3.36 0.25 17.87
C ASP B 57 2.77 0.01 16.48
N ASP B 58 1.45 -0.12 16.39
CA ASP B 58 0.82 -0.32 15.08
C ASP B 58 0.99 0.96 14.25
N LYS B 59 0.99 0.80 12.93
CA LYS B 59 1.17 1.93 12.04
C LYS B 59 0.39 1.77 10.74
N ARG B 60 -0.16 2.88 10.24
CA ARG B 60 -0.91 2.90 8.99
C ARG B 60 -0.59 4.21 8.27
N TYR B 61 -0.26 4.11 6.98
CA TYR B 61 0.08 5.29 6.19
C TYR B 61 -0.87 5.47 5.02
N SER B 62 -1.06 6.73 4.61
CA SER B 62 -1.93 7.04 3.49
C SER B 62 -1.42 6.31 2.24
N PRO B 63 -2.31 5.55 1.57
CA PRO B 63 -1.94 4.79 0.38
C PRO B 63 -1.04 5.55 -0.59
N SER B 64 -1.18 6.88 -0.60
CA SER B 64 -0.39 7.72 -1.48
C SER B 64 1.07 7.84 -1.07
N LEU B 65 1.32 7.82 0.24
CA LEU B 65 2.68 7.93 0.78
C LEU B 65 3.14 6.64 1.44
N ASN B 66 2.46 5.54 1.12
CA ASN B 66 2.77 4.23 1.69
C ASN B 66 4.25 3.86 1.69
N THR B 67 5.03 4.48 0.81
CA THR B 67 6.46 4.17 0.73
C THR B 67 7.37 5.36 0.97
N ARG B 68 6.81 6.47 1.43
CA ARG B 68 7.59 7.67 1.71
C ARG B 68 7.45 8.06 3.17
N LEU B 69 6.41 7.57 3.82
CA LEU B 69 6.16 7.88 5.22
C LEU B 69 6.57 6.76 6.16
N THR B 70 7.15 7.14 7.29
CA THR B 70 7.58 6.19 8.31
C THR B 70 7.26 6.83 9.66
N ILE B 71 6.37 6.21 10.42
CA ILE B 71 6.00 6.75 11.72
C ILE B 71 6.61 5.92 12.85
N THR B 72 7.26 6.60 13.78
CA THR B 72 7.89 5.94 14.92
C THR B 72 7.49 6.64 16.21
N LYS B 73 7.55 5.90 17.31
CA LYS B 73 7.19 6.46 18.61
C LYS B 73 8.32 6.28 19.62
N ASP B 74 8.42 7.21 20.55
CA ASP B 74 9.43 7.15 21.59
C ASP B 74 8.69 7.18 22.93
N THR B 75 8.01 6.09 23.24
CA THR B 75 7.23 5.96 24.47
C THR B 75 7.85 6.70 25.65
N SER B 76 9.17 6.64 25.76
CA SER B 76 9.88 7.30 26.85
C SER B 76 9.81 8.81 26.69
N LYS B 77 10.50 9.33 25.68
CA LYS B 77 10.54 10.77 25.42
C LYS B 77 9.17 11.39 25.13
N ASN B 78 8.11 10.57 25.21
CA ASN B 78 6.77 11.06 24.93
C ASN B 78 6.75 11.80 23.61
N GLN B 79 7.20 11.11 22.54
CA GLN B 79 7.24 11.71 21.22
C GLN B 79 6.83 10.73 20.14
N VAL B 80 6.45 11.26 18.99
CA VAL B 80 6.05 10.46 17.84
C VAL B 80 6.70 11.10 16.61
N VAL B 81 7.71 10.45 16.07
CA VAL B 81 8.42 10.96 14.91
C VAL B 81 7.86 10.47 13.58
N LEU B 82 7.77 11.39 12.62
CA LEU B 82 7.26 11.07 11.29
C LEU B 82 8.32 11.46 10.27
N VAL B 83 8.68 10.53 9.39
CA VAL B 83 9.69 10.81 8.38
C VAL B 83 9.15 10.67 6.96
N MET B 84 9.25 11.75 6.19
CA MET B 84 8.80 11.76 4.81
C MET B 84 10.00 11.96 3.90
N THR B 85 10.26 10.96 3.07
CA THR B 85 11.39 11.01 2.14
C THR B 85 10.97 11.54 0.79
N ARG B 86 11.96 11.90 -0.03
CA ARG B 86 11.71 12.40 -1.38
C ARG B 86 10.58 13.44 -1.41
N VAL B 87 10.75 14.51 -0.63
CA VAL B 87 9.74 15.56 -0.58
C VAL B 87 9.77 16.43 -1.83
N SER B 88 8.61 16.97 -2.20
CA SER B 88 8.50 17.84 -3.37
C SER B 88 7.66 19.06 -3.02
N PRO B 89 7.64 20.07 -3.89
CA PRO B 89 6.87 21.31 -3.68
C PRO B 89 5.41 21.08 -3.32
N VAL B 90 4.91 19.89 -3.62
CA VAL B 90 3.51 19.55 -3.34
C VAL B 90 3.33 19.16 -1.89
N ASP B 91 4.42 19.08 -1.15
CA ASP B 91 4.37 18.70 0.25
C ASP B 91 4.42 19.88 1.21
N THR B 92 4.53 21.09 0.68
CA THR B 92 4.55 22.26 1.56
C THR B 92 3.14 22.46 2.08
N ALA B 93 3.02 22.57 3.39
CA ALA B 93 1.72 22.75 4.05
C ALA B 93 1.91 22.76 5.55
N THR B 94 0.81 22.77 6.28
CA THR B 94 0.87 22.76 7.74
C THR B 94 0.60 21.35 8.23
N TYR B 95 1.50 20.83 9.06
CA TYR B 95 1.34 19.48 9.59
C TYR B 95 0.87 19.45 11.04
N PHE B 96 -0.28 18.83 11.28
CA PHE B 96 -0.83 18.72 12.63
C PHE B 96 -0.71 17.29 13.11
N CYS B 97 -0.40 17.11 14.39
CA CYS B 97 -0.31 15.77 14.95
C CYS B 97 -1.27 15.68 16.11
N ALA B 98 -2.38 14.97 15.91
CA ALA B 98 -3.40 14.83 16.93
C ALA B 98 -3.29 13.51 17.70
N HIS B 99 -4.04 13.45 18.80
CA HIS B 99 -4.09 12.28 19.66
C HIS B 99 -5.43 11.59 19.53
N ARG B 100 -5.41 10.26 19.51
CA ARG B 100 -6.64 9.50 19.41
C ARG B 100 -6.91 8.76 20.71
N ARG B 101 -8.09 8.98 21.28
CA ARG B 101 -8.50 8.36 22.53
C ARG B 101 -8.41 6.84 22.39
N GLY B 102 -8.41 6.14 23.53
CA GLY B 102 -8.31 4.70 23.52
C GLY B 102 -9.62 4.00 23.84
N PRO B 103 -9.76 2.72 23.45
CA PRO B 103 -10.97 1.93 23.70
C PRO B 103 -11.19 1.66 25.18
N THR B 104 -12.44 1.74 25.61
CA THR B 104 -12.79 1.49 27.01
C THR B 104 -12.40 0.06 27.34
N THR B 105 -11.59 -0.11 28.39
CA THR B 105 -11.15 -1.43 28.79
C THR B 105 -11.96 -2.03 29.94
N LEU B 106 -11.69 -3.30 30.22
CA LEU B 106 -12.34 -4.04 31.29
C LEU B 106 -11.31 -5.07 31.72
N PHE B 107 -10.54 -4.72 32.74
CA PHE B 107 -9.48 -5.58 33.25
C PHE B 107 -8.39 -5.71 32.20
N GLY B 108 -8.36 -4.76 31.26
CA GLY B 108 -7.36 -4.76 30.22
C GLY B 108 -7.89 -5.27 28.88
N VAL B 109 -9.20 -5.38 28.76
CA VAL B 109 -9.81 -5.86 27.53
C VAL B 109 -10.73 -4.80 26.93
N PRO B 110 -10.58 -4.53 25.62
CA PRO B 110 -11.40 -3.54 24.92
C PRO B 110 -12.83 -4.01 24.73
N ILE B 111 -13.78 -3.29 25.33
CA ILE B 111 -15.19 -3.63 25.23
C ILE B 111 -16.00 -2.49 24.64
N VAL B 116 -13.29 6.43 20.52
CA VAL B 116 -12.15 6.14 19.66
C VAL B 116 -12.39 6.66 18.25
N ASN B 117 -13.66 6.81 17.89
CA ASN B 117 -14.02 7.27 16.56
C ASN B 117 -13.77 8.77 16.33
N ALA B 118 -12.56 9.23 16.60
CA ALA B 118 -12.21 10.65 16.39
C ALA B 118 -10.86 11.05 16.97
N MET B 119 -10.39 12.21 16.52
CA MET B 119 -9.12 12.76 16.99
C MET B 119 -9.45 13.94 17.91
N ASP B 120 -9.71 13.62 19.17
CA ASP B 120 -10.07 14.62 20.17
C ASP B 120 -9.08 15.75 20.41
N VAL B 121 -7.80 15.41 20.55
CA VAL B 121 -6.79 16.43 20.79
C VAL B 121 -5.84 16.62 19.61
N TRP B 122 -5.75 17.85 19.12
CA TRP B 122 -4.88 18.16 17.99
C TRP B 122 -3.67 18.98 18.43
N GLY B 123 -2.79 19.26 17.48
CA GLY B 123 -1.60 20.05 17.79
C GLY B 123 -1.77 21.47 17.30
N GLN B 124 -0.69 22.24 17.35
CA GLN B 124 -0.72 23.63 16.90
C GLN B 124 -0.51 23.72 15.40
N GLY B 125 0.11 22.69 14.84
CA GLY B 125 0.39 22.67 13.42
C GLY B 125 1.69 23.39 13.11
N ILE B 126 2.55 22.75 12.33
CA ILE B 126 3.81 23.34 11.95
C ILE B 126 3.84 23.55 10.44
N THR B 127 4.18 24.77 10.01
CA THR B 127 4.22 25.07 8.59
C THR B 127 5.55 24.71 7.95
N VAL B 128 5.49 23.93 6.87
CA VAL B 128 6.68 23.50 6.16
C VAL B 128 6.59 23.86 4.68
N THR B 129 7.68 24.38 4.13
CA THR B 129 7.71 24.77 2.73
C THR B 129 8.79 23.99 1.99
N ILE B 130 8.37 23.19 1.01
CA ILE B 130 9.30 22.40 0.22
C ILE B 130 9.67 23.17 -1.04
N SER B 131 10.85 23.77 -1.04
CA SER B 131 11.32 24.55 -2.19
C SER B 131 12.83 24.64 -2.23
N SER B 132 13.37 24.81 -3.43
CA SER B 132 14.82 24.93 -3.61
C SER B 132 15.22 26.40 -3.68
N THR B 133 14.22 27.26 -3.86
CA THR B 133 14.42 28.70 -3.96
C THR B 133 15.23 29.26 -2.79
N SER B 134 16.04 30.29 -3.09
CA SER B 134 16.87 30.93 -2.07
C SER B 134 16.23 32.20 -1.54
N THR B 135 16.60 32.57 -0.31
CA THR B 135 16.07 33.76 0.34
C THR B 135 16.46 35.02 -0.42
N LYS B 136 15.51 35.96 -0.49
CA LYS B 136 15.73 37.22 -1.19
C LYS B 136 14.67 38.23 -0.78
N GLY B 137 15.07 39.50 -0.73
CA GLY B 137 14.14 40.54 -0.35
C GLY B 137 13.09 40.81 -1.41
N PRO B 138 11.97 41.44 -1.03
CA PRO B 138 10.89 41.75 -1.98
C PRO B 138 11.04 43.14 -2.56
N SER B 139 10.55 43.33 -3.79
CA SER B 139 10.61 44.64 -4.43
C SER B 139 9.24 45.27 -4.17
N VAL B 140 9.22 46.58 -3.96
CA VAL B 140 7.97 47.25 -3.69
C VAL B 140 7.60 48.26 -4.78
N PHE B 141 6.54 47.96 -5.51
CA PHE B 141 6.09 48.83 -6.58
C PHE B 141 4.77 49.48 -6.18
N PRO B 142 4.57 50.75 -6.54
CA PRO B 142 3.34 51.47 -6.20
C PRO B 142 2.16 51.20 -7.12
N LEU B 143 0.98 51.16 -6.53
CA LEU B 143 -0.25 50.94 -7.28
C LEU B 143 -0.97 52.28 -7.29
N ALA B 144 -0.52 53.17 -8.16
CA ALA B 144 -1.09 54.51 -8.28
C ALA B 144 -2.45 54.51 -8.99
N PRO B 145 -3.37 55.37 -8.51
CA PRO B 145 -4.72 55.51 -9.07
C PRO B 145 -4.72 55.78 -10.57
N ALA B 154 -14.94 55.95 -4.27
CA ALA B 154 -13.77 56.62 -3.68
C ALA B 154 -12.55 56.46 -4.58
N ALA B 155 -11.39 56.25 -3.97
CA ALA B 155 -10.15 56.08 -4.71
C ALA B 155 -9.33 54.94 -4.11
N ALA B 156 -8.62 54.20 -4.95
CA ALA B 156 -7.81 53.09 -4.47
C ALA B 156 -6.35 53.17 -4.90
N LEU B 157 -5.49 52.57 -4.09
CA LEU B 157 -4.05 52.56 -4.33
C LEU B 157 -3.42 51.55 -3.38
N GLY B 158 -2.16 51.21 -3.61
CA GLY B 158 -1.49 50.25 -2.74
C GLY B 158 -0.08 49.92 -3.18
N CYS B 159 0.44 48.82 -2.68
CA CYS B 159 1.78 48.36 -3.02
C CYS B 159 1.80 46.92 -3.47
N LEU B 160 2.75 46.58 -4.33
CA LEU B 160 2.88 45.23 -4.85
C LEU B 160 4.18 44.58 -4.41
N VAL B 161 4.18 43.95 -3.23
CA VAL B 161 5.37 43.28 -2.72
C VAL B 161 5.70 42.14 -3.71
N LYS B 162 6.69 42.40 -4.56
CA LYS B 162 7.09 41.46 -5.60
C LYS B 162 8.29 40.55 -5.33
N ASP B 163 8.35 39.46 -6.09
CA ASP B 163 9.42 38.46 -6.03
C ASP B 163 10.27 38.36 -4.76
N TYR B 164 9.70 37.72 -3.73
CA TYR B 164 10.40 37.53 -2.47
C TYR B 164 10.27 36.07 -2.05
N PHE B 165 11.00 35.68 -1.00
CA PHE B 165 10.96 34.32 -0.50
C PHE B 165 11.78 34.26 0.77
N PRO B 166 11.26 33.57 1.80
CA PRO B 166 9.97 32.88 1.79
C PRO B 166 8.96 33.66 2.61
N GLU B 167 7.75 33.11 2.73
CA GLU B 167 6.71 33.75 3.53
C GLU B 167 7.24 33.77 4.97
N PRO B 168 6.74 34.69 5.81
CA PRO B 168 5.73 35.70 5.49
C PRO B 168 6.35 37.07 5.25
N VAL B 169 5.50 38.08 5.18
CA VAL B 169 5.92 39.46 4.98
C VAL B 169 4.85 40.40 5.53
N THR B 170 5.20 41.13 6.58
CA THR B 170 4.28 42.06 7.22
C THR B 170 4.16 43.35 6.41
N VAL B 171 2.95 43.90 6.37
CA VAL B 171 2.70 45.13 5.62
C VAL B 171 1.73 46.04 6.36
N SER B 172 2.17 47.26 6.64
CA SER B 172 1.35 48.25 7.33
C SER B 172 1.40 49.55 6.54
N TRP B 173 0.52 50.49 6.88
CA TRP B 173 0.50 51.77 6.18
C TRP B 173 0.67 52.96 7.11
N ASN B 174 1.40 53.97 6.62
CA ASN B 174 1.67 55.18 7.39
C ASN B 174 1.98 54.86 8.85
N SER B 175 3.00 54.03 9.04
CA SER B 175 3.45 53.62 10.36
C SER B 175 2.32 53.10 11.25
N GLY B 176 1.21 52.72 10.63
CA GLY B 176 0.07 52.21 11.39
C GLY B 176 -1.13 53.13 11.40
N ALA B 177 -0.91 54.43 11.19
CA ALA B 177 -1.99 55.40 11.18
C ALA B 177 -3.18 54.93 10.35
N LEU B 178 -2.92 54.19 9.28
CA LEU B 178 -3.97 53.67 8.40
C LEU B 178 -4.44 52.24 8.67
N THR B 179 -5.73 52.00 8.48
CA THR B 179 -6.34 50.67 8.67
C THR B 179 -7.61 50.60 7.86
N SER B 180 -8.49 51.57 8.10
CA SER B 180 -9.77 51.65 7.43
C SER B 180 -9.61 51.55 5.93
N GLY B 181 -10.12 50.46 5.36
CA GLY B 181 -10.05 50.27 3.93
C GLY B 181 -8.86 49.47 3.42
N VAL B 182 -7.89 49.19 4.29
CA VAL B 182 -6.69 48.44 3.88
C VAL B 182 -7.00 46.95 3.69
N HIS B 183 -6.51 46.39 2.59
CA HIS B 183 -6.71 44.99 2.28
C HIS B 183 -5.42 44.33 1.80
N THR B 184 -4.71 43.67 2.71
CA THR B 184 -3.47 42.99 2.38
C THR B 184 -3.76 41.53 2.07
N PHE B 185 -3.92 41.22 0.79
CA PHE B 185 -4.23 39.86 0.34
C PHE B 185 -3.10 38.89 0.61
N PRO B 186 -3.41 37.59 0.68
CA PRO B 186 -2.39 36.56 0.91
C PRO B 186 -1.53 36.37 -0.33
N ALA B 187 -0.24 36.14 -0.13
CA ALA B 187 0.69 35.97 -1.24
C ALA B 187 0.33 34.80 -2.14
N VAL B 188 0.86 34.84 -3.36
CA VAL B 188 0.66 33.77 -4.33
C VAL B 188 2.04 33.27 -4.77
N LEU B 189 2.14 31.98 -5.05
CA LEU B 189 3.39 31.39 -5.47
C LEU B 189 3.48 31.45 -6.98
N GLN B 190 4.48 32.17 -7.49
CA GLN B 190 4.66 32.32 -8.93
C GLN B 190 5.47 31.18 -9.51
N SER B 191 5.50 31.10 -10.84
CA SER B 191 6.25 30.07 -11.53
C SER B 191 7.72 30.15 -11.12
N SER B 192 8.19 31.38 -10.91
CA SER B 192 9.56 31.62 -10.51
C SER B 192 9.95 30.87 -9.24
N GLY B 193 8.95 30.56 -8.43
CA GLY B 193 9.22 29.87 -7.18
C GLY B 193 9.29 30.91 -6.09
N LEU B 194 9.01 32.16 -6.48
CA LEU B 194 9.02 33.30 -5.58
C LEU B 194 7.58 33.74 -5.30
N TYR B 195 7.39 34.54 -4.25
CA TYR B 195 6.08 35.03 -3.89
C TYR B 195 5.80 36.43 -4.41
N SER B 196 4.57 36.89 -4.21
CA SER B 196 4.15 38.21 -4.65
C SER B 196 2.75 38.52 -4.14
N LEU B 197 2.63 39.54 -3.29
CA LEU B 197 1.33 39.92 -2.76
C LEU B 197 1.08 41.40 -2.97
N SER B 198 -0.18 41.80 -2.90
CA SER B 198 -0.56 43.19 -3.07
C SER B 198 -1.36 43.66 -1.86
N SER B 199 -1.01 44.85 -1.37
CA SER B 199 -1.69 45.44 -0.22
C SER B 199 -2.31 46.73 -0.69
N VAL B 200 -3.64 46.75 -0.79
CA VAL B 200 -4.34 47.94 -1.25
C VAL B 200 -4.97 48.72 -0.10
N VAL B 201 -5.48 49.91 -0.42
CA VAL B 201 -6.14 50.77 0.55
C VAL B 201 -7.06 51.72 -0.21
N THR B 202 -8.34 51.71 0.16
CA THR B 202 -9.33 52.56 -0.49
C THR B 202 -9.60 53.79 0.38
N VAL B 203 -9.42 54.96 -0.21
CA VAL B 203 -9.63 56.22 0.50
C VAL B 203 -10.35 57.28 -0.33
N PRO B 204 -10.84 58.36 0.32
CA PRO B 204 -11.55 59.45 -0.33
C PRO B 204 -10.78 60.10 -1.48
N SER B 205 -11.43 60.19 -2.64
CA SER B 205 -10.82 60.78 -3.82
C SER B 205 -10.32 62.18 -3.52
N SER B 206 -11.05 62.89 -2.66
CA SER B 206 -10.69 64.26 -2.28
C SER B 206 -9.54 64.23 -1.28
N SER B 207 -9.31 63.07 -0.67
CA SER B 207 -8.25 62.90 0.31
C SER B 207 -6.88 62.80 -0.35
N LEU B 208 -6.87 62.59 -1.66
CA LEU B 208 -5.62 62.47 -2.41
C LEU B 208 -4.75 63.71 -2.25
N THR B 214 2.12 55.86 2.60
CA THR B 214 3.31 55.02 2.45
C THR B 214 3.07 53.64 3.04
N CYS B 215 3.43 52.60 2.28
CA CYS B 215 3.25 51.23 2.77
C CYS B 215 4.53 50.76 3.45
N ASN B 216 4.39 50.32 4.69
CA ASN B 216 5.52 49.84 5.46
C ASN B 216 5.67 48.33 5.26
N VAL B 217 6.46 47.95 4.26
CA VAL B 217 6.69 46.55 3.95
C VAL B 217 7.91 46.06 4.73
N ASN B 218 7.88 44.81 5.18
CA ASN B 218 8.98 44.25 5.94
C ASN B 218 9.13 42.75 5.72
N HIS B 219 10.31 42.34 5.25
CA HIS B 219 10.60 40.93 4.99
C HIS B 219 11.66 40.48 6.00
N LYS B 220 11.21 39.82 7.06
CA LYS B 220 12.09 39.35 8.13
C LYS B 220 13.34 38.58 7.72
N PRO B 221 13.18 37.43 7.04
CA PRO B 221 14.35 36.65 6.62
C PRO B 221 15.42 37.44 5.86
N SER B 222 15.02 38.08 4.78
CA SER B 222 15.97 38.86 3.98
C SER B 222 16.22 40.23 4.58
N ASN B 223 15.82 40.41 5.83
CA ASN B 223 16.00 41.69 6.52
C ASN B 223 15.72 42.86 5.58
N THR B 224 14.79 42.64 4.65
CA THR B 224 14.43 43.67 3.69
C THR B 224 13.24 44.47 4.19
N LYS B 225 13.52 45.66 4.71
CA LYS B 225 12.48 46.56 5.21
C LYS B 225 12.39 47.74 4.26
N VAL B 226 11.18 48.00 3.75
CA VAL B 226 10.99 49.10 2.81
C VAL B 226 9.73 49.90 3.06
N ASP B 227 9.87 51.21 3.18
CA ASP B 227 8.76 52.11 3.39
C ASP B 227 8.62 53.03 2.18
N LYS B 228 7.99 52.53 1.12
CA LYS B 228 7.82 53.30 -0.10
C LYS B 228 6.59 54.19 -0.04
N ARG B 229 6.58 55.23 -0.86
CA ARG B 229 5.47 56.18 -0.94
C ARG B 229 4.71 55.92 -2.23
N VAL B 230 3.44 56.32 -2.26
CA VAL B 230 2.61 56.13 -3.44
C VAL B 230 1.98 57.45 -3.87
N GLU B 231 2.37 57.94 -5.04
CA GLU B 231 1.87 59.20 -5.57
C GLU B 231 0.88 58.97 -6.72
N GLU C 23 12.47 -12.66 20.80
CA GLU C 23 11.71 -12.99 19.57
C GLU C 23 10.23 -13.06 19.90
N THR C 24 9.51 -13.90 19.17
CA THR C 24 8.08 -14.08 19.39
C THR C 24 7.69 -15.49 18.93
N THR C 25 8.40 -16.48 19.46
CA THR C 25 8.17 -17.88 19.12
C THR C 25 6.69 -18.21 18.96
N VAL C 26 6.28 -18.40 17.71
CA VAL C 26 4.89 -18.73 17.43
C VAL C 26 4.78 -20.26 17.37
N THR C 27 3.78 -20.81 18.06
CA THR C 27 3.58 -22.25 18.08
C THR C 27 2.20 -22.67 17.59
N GLN C 28 2.18 -23.44 16.50
CA GLN C 28 0.94 -23.93 15.92
C GLN C 28 0.61 -25.28 16.51
N SER C 29 -0.67 -25.61 16.57
CA SER C 29 -1.11 -26.88 17.12
C SER C 29 -2.54 -27.19 16.70
N PRO C 30 -2.78 -28.40 16.17
CA PRO C 30 -1.77 -29.44 15.98
C PRO C 30 -0.92 -29.19 14.73
N ALA C 31 -0.10 -30.17 14.38
CA ALA C 31 0.75 -30.07 13.20
C ALA C 31 0.24 -31.04 12.15
N SER C 32 -0.88 -31.69 12.48
CA SER C 32 -1.51 -32.65 11.59
C SER C 32 -2.79 -33.16 12.26
N LEU C 33 -3.78 -33.52 11.45
CA LEU C 33 -5.05 -34.01 11.98
C LEU C 33 -5.94 -34.56 10.88
N VAL C 41 -12.95 -27.54 11.86
CA VAL C 41 -11.52 -27.59 12.16
C VAL C 41 -11.10 -26.35 12.94
N THR C 42 -10.25 -26.53 13.94
CA THR C 42 -9.77 -25.43 14.75
C THR C 42 -8.26 -25.51 15.00
N ILE C 43 -7.54 -24.47 14.59
CA ILE C 43 -6.10 -24.41 14.75
C ILE C 43 -5.74 -23.45 15.89
N ARG C 44 -4.59 -23.68 16.50
CA ARG C 44 -4.11 -22.85 17.60
C ARG C 44 -2.73 -22.28 17.32
N CYS C 45 -2.47 -21.11 17.88
CA CYS C 45 -1.18 -20.44 17.71
C CYS C 45 -0.92 -19.47 18.85
N ILE C 46 -0.11 -19.90 19.80
CA ILE C 46 0.24 -19.07 20.95
C ILE C 46 1.64 -18.50 20.70
N THR C 47 1.85 -17.25 21.09
CA THR C 47 3.13 -16.60 20.87
C THR C 47 3.89 -16.28 22.16
N SER C 48 5.21 -16.27 22.06
CA SER C 48 6.09 -15.98 23.18
C SER C 48 5.84 -14.60 23.76
N THR C 49 5.37 -13.69 22.92
CA THR C 49 5.09 -12.32 23.36
C THR C 49 3.65 -11.91 23.10
N ASP C 50 3.15 -10.99 23.93
CA ASP C 50 1.79 -10.47 23.77
C ASP C 50 1.80 -9.47 22.62
N ILE C 51 0.65 -9.27 21.98
CA ILE C 51 0.53 -8.36 20.86
C ILE C 51 -0.90 -8.02 20.53
N ASP C 52 -1.09 -7.12 19.57
CA ASP C 52 -2.40 -6.79 19.06
C ASP C 52 -2.88 -8.10 18.41
N ASP C 53 -3.90 -7.99 17.58
CA ASP C 53 -4.42 -9.15 16.88
C ASP C 53 -3.61 -9.38 15.61
N ASP C 54 -2.41 -8.79 15.58
CA ASP C 54 -1.50 -8.90 14.43
C ASP C 54 -1.11 -10.37 14.27
N MET C 55 -1.93 -11.10 13.52
CA MET C 55 -1.71 -12.51 13.31
C MET C 55 -2.44 -12.93 12.03
N ASN C 56 -1.69 -13.11 10.95
CA ASN C 56 -2.30 -13.52 9.68
C ASN C 56 -2.38 -15.02 9.55
N TRP C 57 -3.14 -15.49 8.57
CA TRP C 57 -3.30 -16.92 8.31
C TRP C 57 -3.19 -17.24 6.83
N TYR C 58 -2.26 -18.14 6.49
CA TYR C 58 -2.06 -18.51 5.10
C TYR C 58 -2.33 -19.99 4.81
N GLN C 59 -2.95 -20.25 3.67
CA GLN C 59 -3.27 -21.61 3.24
C GLN C 59 -2.32 -21.93 2.09
N GLN C 60 -1.60 -23.05 2.20
CA GLN C 60 -0.65 -23.43 1.16
C GLN C 60 -0.87 -24.85 0.63
N LYS C 61 -1.30 -24.93 -0.62
CA LYS C 61 -1.53 -26.23 -1.24
C LYS C 61 -0.22 -26.66 -1.91
N PRO C 62 -0.03 -27.97 -2.13
CA PRO C 62 1.19 -28.50 -2.75
C PRO C 62 1.55 -27.95 -4.12
N GLY C 63 2.82 -27.59 -4.27
CA GLY C 63 3.32 -27.06 -5.54
C GLY C 63 3.08 -25.59 -5.79
N GLU C 64 2.57 -24.88 -4.79
CA GLU C 64 2.30 -23.45 -4.97
C GLU C 64 2.55 -22.65 -3.68
N PRO C 65 2.67 -21.32 -3.80
CA PRO C 65 2.90 -20.43 -2.66
C PRO C 65 1.67 -20.30 -1.76
N PRO C 66 1.85 -19.76 -0.55
CA PRO C 66 0.76 -19.58 0.42
C PRO C 66 -0.29 -18.57 -0.04
N ARG C 67 -1.51 -18.74 0.46
CA ARG C 67 -2.61 -17.84 0.14
C ARG C 67 -3.02 -17.06 1.38
N LEU C 68 -3.18 -15.74 1.24
CA LEU C 68 -3.59 -14.92 2.36
C LEU C 68 -5.06 -15.18 2.65
N LEU C 69 -5.36 -15.52 3.90
CA LEU C 69 -6.74 -15.80 4.28
C LEU C 69 -7.26 -14.75 5.26
N ILE C 70 -6.44 -14.40 6.25
CA ILE C 70 -6.82 -13.42 7.24
C ILE C 70 -5.65 -12.52 7.62
N SER C 71 -5.95 -11.26 7.90
CA SER C 71 -4.94 -10.28 8.26
C SER C 71 -4.92 -9.96 9.74
N ASP C 72 -4.42 -8.78 10.09
CA ASP C 72 -4.36 -8.37 11.49
C ASP C 72 -5.80 -8.19 11.97
N GLY C 73 -6.11 -8.73 13.14
CA GLY C 73 -7.45 -8.64 13.67
C GLY C 73 -8.52 -9.29 12.81
N ASN C 74 -8.41 -10.59 12.55
CA ASN C 74 -9.42 -11.32 11.76
C ASN C 74 -10.15 -10.57 10.64
N THR C 75 -9.44 -10.21 9.58
CA THR C 75 -10.07 -9.54 8.46
C THR C 75 -9.95 -10.39 7.22
N LEU C 76 -11.00 -11.18 6.96
CA LEU C 76 -11.02 -12.07 5.81
C LEU C 76 -10.70 -11.35 4.50
N ARG C 77 -9.65 -11.80 3.83
CA ARG C 77 -9.26 -11.21 2.56
C ARG C 77 -10.46 -11.29 1.61
N PRO C 78 -10.93 -10.15 1.09
CA PRO C 78 -12.08 -10.16 0.18
C PRO C 78 -11.91 -11.18 -0.94
N GLY C 79 -12.89 -12.09 -1.06
CA GLY C 79 -12.82 -13.11 -2.08
C GLY C 79 -12.51 -14.46 -1.47
N VAL C 80 -12.65 -14.55 -0.15
CA VAL C 80 -12.39 -15.79 0.57
C VAL C 80 -13.66 -16.27 1.28
N PRO C 81 -13.90 -17.59 1.27
CA PRO C 81 -15.08 -18.18 1.92
C PRO C 81 -15.33 -17.66 3.33
N SER C 82 -16.60 -17.62 3.72
CA SER C 82 -16.99 -17.15 5.03
C SER C 82 -16.69 -18.20 6.09
N ARG C 83 -16.44 -19.43 5.64
CA ARG C 83 -16.15 -20.55 6.52
C ARG C 83 -14.86 -20.31 7.32
N PHE C 84 -14.20 -19.20 7.05
CA PHE C 84 -12.95 -18.86 7.72
C PHE C 84 -13.14 -17.72 8.71
N SER C 85 -12.51 -17.85 9.87
CA SER C 85 -12.59 -16.85 10.92
C SER C 85 -11.34 -16.90 11.79
N SER C 86 -10.88 -15.74 12.25
CA SER C 86 -9.69 -15.67 13.08
C SER C 86 -9.98 -15.09 14.46
N SER C 87 -10.54 -15.90 15.33
CA SER C 87 -10.83 -15.46 16.69
C SER C 87 -9.50 -15.36 17.43
N GLY C 88 -9.51 -14.76 18.62
CA GLY C 88 -8.29 -14.64 19.38
C GLY C 88 -7.77 -13.23 19.51
N TYR C 89 -6.93 -13.01 20.52
CA TYR C 89 -6.34 -11.71 20.78
C TYR C 89 -5.31 -11.85 21.90
N GLY C 90 -4.19 -11.15 21.76
CA GLY C 90 -3.15 -11.21 22.79
C GLY C 90 -2.07 -12.23 22.50
N THR C 91 -2.30 -13.47 22.94
CA THR C 91 -1.34 -14.54 22.72
C THR C 91 -1.99 -15.83 22.25
N ASP C 92 -3.24 -16.04 22.62
CA ASP C 92 -3.96 -17.25 22.22
C ASP C 92 -4.93 -16.94 21.07
N PHE C 93 -4.61 -17.45 19.88
CA PHE C 93 -5.44 -17.21 18.71
C PHE C 93 -6.06 -18.50 18.19
N VAL C 94 -7.18 -18.38 17.49
CA VAL C 94 -7.88 -19.54 16.94
C VAL C 94 -8.21 -19.39 15.46
N PHE C 95 -8.43 -20.53 14.80
CA PHE C 95 -8.75 -20.56 13.37
C PHE C 95 -9.75 -21.69 13.13
N THR C 96 -10.93 -21.34 12.65
CA THR C 96 -11.95 -22.35 12.38
C THR C 96 -12.56 -22.22 10.99
N SER C 102 -13.48 -30.56 0.46
CA SER C 102 -12.35 -31.38 0.02
C SER C 102 -11.29 -30.50 -0.62
N GLU C 103 -11.56 -29.20 -0.69
CA GLU C 103 -10.62 -28.25 -1.28
C GLU C 103 -9.93 -27.41 -0.22
N ASP C 104 -9.87 -27.94 0.99
CA ASP C 104 -9.21 -27.26 2.10
C ASP C 104 -8.02 -28.08 2.57
N VAL C 105 -7.63 -29.06 1.76
CA VAL C 105 -6.51 -29.94 2.06
C VAL C 105 -5.21 -29.23 1.72
N ALA C 106 -4.54 -28.71 2.75
CA ALA C 106 -3.29 -27.99 2.56
C ALA C 106 -2.72 -27.66 3.94
N ASP C 107 -1.57 -27.00 3.96
CA ASP C 107 -0.93 -26.62 5.21
C ASP C 107 -1.29 -25.19 5.55
N TYR C 108 -1.72 -24.96 6.78
CA TYR C 108 -2.10 -23.63 7.24
C TYR C 108 -1.04 -23.07 8.18
N TYR C 109 -0.65 -21.83 7.95
CA TYR C 109 0.38 -21.18 8.76
C TYR C 109 -0.07 -19.87 9.39
N CYS C 110 0.41 -19.61 10.61
CA CYS C 110 0.09 -18.37 11.30
C CYS C 110 1.26 -17.43 11.07
N LEU C 111 0.98 -16.13 11.04
CA LEU C 111 2.03 -15.14 10.83
C LEU C 111 1.81 -13.91 11.72
N GLN C 112 2.80 -13.64 12.57
CA GLN C 112 2.74 -12.51 13.49
C GLN C 112 3.18 -11.23 12.79
N SER C 113 2.26 -10.27 12.69
CA SER C 113 2.52 -9.00 12.01
C SER C 113 2.93 -7.91 12.99
N ASP C 114 3.22 -8.32 14.22
CA ASP C 114 3.62 -7.39 15.26
C ASP C 114 4.98 -6.73 15.03
N ASN C 115 6.03 -7.41 15.46
CA ASN C 115 7.38 -6.89 15.36
C ASN C 115 8.39 -7.85 14.74
N LEU C 116 9.57 -7.33 14.39
CA LEU C 116 10.63 -8.12 13.78
C LEU C 116 11.36 -8.97 14.82
N PRO C 117 11.79 -10.18 14.42
CA PRO C 117 11.58 -10.71 13.07
C PRO C 117 10.18 -11.30 12.89
N TYR C 118 9.55 -11.03 11.75
CA TYR C 118 8.23 -11.57 11.49
C TYR C 118 8.37 -13.08 11.53
N THR C 119 7.60 -13.72 12.41
CA THR C 119 7.67 -15.15 12.56
C THR C 119 6.41 -15.92 12.22
N PHE C 120 6.58 -17.07 11.57
CA PHE C 120 5.47 -17.94 11.19
C PHE C 120 5.40 -19.04 12.25
N GLY C 121 4.59 -20.05 11.99
CA GLY C 121 4.48 -21.15 12.93
C GLY C 121 4.85 -22.46 12.25
N GLY C 122 4.77 -23.56 12.99
CA GLY C 122 5.10 -24.85 12.42
C GLY C 122 4.02 -25.28 11.43
N GLY C 123 2.94 -24.52 11.39
CA GLY C 123 1.85 -24.83 10.49
C GLY C 123 1.14 -26.12 10.85
N THR C 124 0.38 -26.65 9.90
CA THR C 124 -0.35 -27.88 10.11
C THR C 124 -1.14 -28.28 8.86
N ASN C 125 -0.81 -29.44 8.30
CA ASN C 125 -1.50 -29.92 7.11
C ASN C 125 -2.87 -30.45 7.48
N LEU C 126 -3.84 -30.29 6.58
CA LEU C 126 -5.20 -30.75 6.82
C LEU C 126 -5.60 -31.86 5.85
N ARG C 130 -12.39 -39.51 4.19
CA ARG C 130 -13.37 -40.09 3.28
C ARG C 130 -13.52 -41.59 3.47
N ALA C 131 -14.39 -42.19 2.65
CA ALA C 131 -14.64 -43.63 2.72
C ALA C 131 -13.38 -44.39 2.28
N ASP C 132 -13.00 -45.40 3.03
CA ASP C 132 -11.82 -46.20 2.70
C ASP C 132 -11.92 -46.70 1.26
N ALA C 133 -10.78 -46.67 0.56
CA ALA C 133 -10.74 -47.13 -0.84
C ALA C 133 -9.59 -48.10 -1.06
N ALA C 134 -9.84 -49.12 -1.89
CA ALA C 134 -8.83 -50.12 -2.19
C ALA C 134 -7.85 -49.65 -3.26
N PRO C 135 -6.55 -49.89 -3.05
CA PRO C 135 -5.50 -49.50 -3.99
C PRO C 135 -5.50 -50.29 -5.29
N THR C 136 -5.43 -49.57 -6.41
CA THR C 136 -5.40 -50.20 -7.72
C THR C 136 -3.93 -50.45 -8.10
N VAL C 137 -3.42 -51.60 -7.67
CA VAL C 137 -2.03 -51.97 -7.94
C VAL C 137 -1.77 -52.33 -9.39
N SER C 138 -0.56 -52.00 -9.87
CA SER C 138 -0.16 -52.28 -11.24
C SER C 138 1.34 -52.60 -11.27
N ILE C 139 1.69 -53.74 -11.84
CA ILE C 139 3.09 -54.16 -11.91
C ILE C 139 3.65 -53.93 -13.31
N PHE C 140 4.86 -53.36 -13.37
CA PHE C 140 5.52 -53.09 -14.64
C PHE C 140 6.93 -53.65 -14.73
N PRO C 141 7.18 -54.50 -15.74
CA PRO C 141 8.51 -55.12 -15.95
C PRO C 141 9.51 -54.08 -16.43
N PRO C 142 10.80 -54.43 -16.44
CA PRO C 142 11.86 -53.51 -16.88
C PRO C 142 11.70 -53.15 -18.36
N SER C 143 12.17 -51.96 -18.72
CA SER C 143 12.09 -51.50 -20.11
C SER C 143 13.30 -51.99 -20.89
N SER C 144 13.13 -52.21 -22.18
CA SER C 144 14.22 -52.68 -23.04
C SER C 144 15.42 -51.74 -22.97
N GLU C 145 15.14 -50.44 -22.88
CA GLU C 145 16.19 -49.44 -22.82
C GLU C 145 17.03 -49.57 -21.56
N GLN C 146 16.37 -49.78 -20.42
CA GLN C 146 17.08 -49.92 -19.15
C GLN C 146 17.92 -51.18 -19.11
N LEU C 147 17.35 -52.29 -19.56
CA LEU C 147 18.07 -53.56 -19.58
C LEU C 147 19.33 -53.45 -20.42
N THR C 148 19.26 -52.64 -21.48
CA THR C 148 20.40 -52.45 -22.36
C THR C 148 21.52 -51.68 -21.64
N SER C 149 21.16 -50.97 -20.58
CA SER C 149 22.15 -50.21 -19.82
C SER C 149 22.64 -51.00 -18.63
N GLY C 150 22.28 -52.28 -18.58
CA GLY C 150 22.70 -53.13 -17.48
C GLY C 150 21.84 -52.98 -16.24
N GLY C 151 20.84 -52.11 -16.32
CA GLY C 151 19.96 -51.90 -15.19
C GLY C 151 18.62 -52.58 -15.38
N ALA C 152 17.85 -52.70 -14.29
CA ALA C 152 16.55 -53.35 -14.34
C ALA C 152 15.72 -52.97 -13.12
N SER C 153 14.65 -52.22 -13.34
CA SER C 153 13.78 -51.79 -12.26
C SER C 153 12.35 -52.27 -12.50
N VAL C 154 11.73 -52.79 -11.45
CA VAL C 154 10.35 -53.28 -11.53
C VAL C 154 9.47 -52.35 -10.72
N VAL C 155 8.56 -51.65 -11.40
CA VAL C 155 7.68 -50.71 -10.73
C VAL C 155 6.36 -51.34 -10.29
N CYS C 156 5.72 -50.72 -9.31
CA CYS C 156 4.45 -51.20 -8.77
C CYS C 156 3.63 -50.00 -8.34
N PHE C 157 2.59 -49.68 -9.09
CA PHE C 157 1.73 -48.53 -8.78
C PHE C 157 0.50 -48.89 -7.95
N LEU C 158 0.33 -48.21 -6.82
CA LEU C 158 -0.81 -48.42 -5.95
C LEU C 158 -1.52 -47.07 -5.88
N ASN C 159 -2.46 -46.86 -6.80
CA ASN C 159 -3.18 -45.59 -6.88
C ASN C 159 -4.56 -45.52 -6.22
N ASN C 160 -5.00 -44.29 -6.02
CA ASN C 160 -6.29 -43.97 -5.42
C ASN C 160 -6.78 -44.91 -4.32
N PHE C 161 -6.08 -44.91 -3.19
CA PHE C 161 -6.49 -45.75 -2.07
C PHE C 161 -6.64 -44.88 -0.83
N TYR C 162 -7.27 -45.44 0.21
CA TYR C 162 -7.48 -44.70 1.45
C TYR C 162 -7.79 -45.64 2.62
N PRO C 163 -7.16 -45.41 3.79
CA PRO C 163 -6.21 -44.31 4.06
C PRO C 163 -4.85 -44.54 3.42
N LYS C 164 -3.91 -43.67 3.76
CA LYS C 164 -2.55 -43.74 3.23
C LYS C 164 -1.78 -44.94 3.78
N ASP C 165 -2.15 -45.39 4.97
CA ASP C 165 -1.50 -46.53 5.60
C ASP C 165 -1.57 -47.75 4.69
N ILE C 166 -0.44 -48.11 4.08
CA ILE C 166 -0.39 -49.25 3.18
C ILE C 166 0.99 -49.90 3.21
N ASN C 167 1.00 -51.23 3.19
CA ASN C 167 2.25 -51.99 3.22
C ASN C 167 2.50 -52.78 1.94
N VAL C 168 3.67 -52.59 1.35
CA VAL C 168 4.03 -53.29 0.12
C VAL C 168 5.07 -54.38 0.39
N LYS C 169 4.89 -55.51 -0.29
CA LYS C 169 5.78 -56.65 -0.12
C LYS C 169 6.37 -57.07 -1.46
N TRP C 170 7.65 -56.81 -1.66
CA TRP C 170 8.32 -57.19 -2.90
C TRP C 170 8.84 -58.62 -2.81
N LYS C 171 8.02 -59.56 -3.30
CA LYS C 171 8.38 -60.97 -3.27
C LYS C 171 8.76 -61.50 -4.64
N ILE C 172 10.01 -61.94 -4.78
CA ILE C 172 10.49 -62.50 -6.04
C ILE C 172 10.44 -64.02 -5.91
N ASP C 173 10.35 -64.71 -7.06
CA ASP C 173 10.28 -66.17 -7.09
C ASP C 173 9.85 -66.79 -5.76
N ASN C 179 15.90 -55.50 0.29
CA ASN C 179 16.34 -54.14 0.07
C ASN C 179 16.47 -53.86 -1.42
N GLY C 180 16.72 -52.60 -1.77
CA GLY C 180 16.86 -52.23 -3.17
C GLY C 180 15.56 -51.69 -3.74
N VAL C 181 14.64 -51.34 -2.84
CA VAL C 181 13.34 -50.81 -3.24
C VAL C 181 13.20 -49.35 -2.84
N LEU C 182 12.32 -48.64 -3.55
CA LEU C 182 12.07 -47.23 -3.28
C LEU C 182 10.57 -46.95 -3.22
N ASN C 183 10.15 -46.16 -2.25
CA ASN C 183 8.74 -45.82 -2.09
C ASN C 183 8.52 -44.32 -2.14
N SER C 184 7.42 -43.92 -2.77
CA SER C 184 7.07 -42.51 -2.90
C SER C 184 5.56 -42.32 -2.81
N TRP C 185 5.12 -41.47 -1.89
CA TRP C 185 3.70 -41.21 -1.71
C TRP C 185 3.29 -39.85 -2.24
N THR C 186 2.12 -39.79 -2.89
CA THR C 186 1.61 -38.54 -3.43
C THR C 186 0.76 -37.84 -2.38
N ASP C 187 0.65 -36.53 -2.49
CA ASP C 187 -0.15 -35.74 -1.55
C ASP C 187 -1.61 -36.16 -1.73
N GLN C 188 -2.42 -35.92 -0.71
CA GLN C 188 -3.83 -36.29 -0.79
C GLN C 188 -4.48 -35.61 -1.98
N ASP C 189 -5.21 -36.38 -2.79
CA ASP C 189 -5.87 -35.85 -3.97
C ASP C 189 -6.90 -34.79 -3.58
N SER C 190 -6.84 -33.64 -4.23
CA SER C 190 -7.77 -32.54 -3.94
C SER C 190 -9.01 -32.65 -4.83
N LYS C 191 -9.55 -33.85 -4.93
CA LYS C 191 -10.72 -34.10 -5.76
C LYS C 191 -11.47 -35.32 -5.21
N ASP C 192 -10.76 -36.44 -5.08
CA ASP C 192 -11.35 -37.65 -4.55
C ASP C 192 -10.72 -37.98 -3.20
N SER C 193 -9.84 -37.08 -2.75
CA SER C 193 -9.15 -37.23 -1.47
C SER C 193 -8.48 -38.58 -1.25
N THR C 194 -8.00 -39.20 -2.32
CA THR C 194 -7.34 -40.50 -2.20
C THR C 194 -5.82 -40.33 -2.26
N TYR C 195 -5.10 -41.41 -1.95
CA TYR C 195 -3.65 -41.40 -1.97
C TYR C 195 -3.14 -42.36 -3.03
N SER C 196 -1.82 -42.36 -3.24
CA SER C 196 -1.19 -43.24 -4.21
C SER C 196 0.32 -43.28 -3.99
N MET C 197 0.93 -44.43 -4.27
CA MET C 197 2.38 -44.57 -4.11
C MET C 197 2.95 -45.53 -5.15
N SER C 198 4.24 -45.40 -5.41
CA SER C 198 4.89 -46.25 -6.39
C SER C 198 6.16 -46.88 -5.81
N SER C 199 6.23 -48.20 -5.87
CA SER C 199 7.39 -48.92 -5.36
C SER C 199 8.27 -49.30 -6.55
N THR C 200 9.56 -49.02 -6.42
CA THR C 200 10.50 -49.33 -7.49
C THR C 200 11.63 -50.24 -7.04
N LEU C 201 11.52 -51.52 -7.37
CA LEU C 201 12.52 -52.51 -7.02
C LEU C 201 13.63 -52.43 -8.08
N THR C 202 14.84 -52.09 -7.64
CA THR C 202 15.97 -51.96 -8.56
C THR C 202 16.96 -53.11 -8.46
N LEU C 203 17.09 -53.87 -9.54
CA LEU C 203 18.02 -54.99 -9.58
C LEU C 203 19.03 -54.82 -10.71
N THR C 204 20.04 -55.68 -10.73
CA THR C 204 21.06 -55.64 -11.76
C THR C 204 20.50 -56.36 -12.97
N LYS C 205 21.10 -56.14 -14.13
CA LYS C 205 20.65 -56.79 -15.35
C LYS C 205 20.68 -58.30 -15.17
N ASP C 206 21.81 -58.82 -14.69
CA ASP C 206 21.96 -60.25 -14.47
C ASP C 206 21.06 -60.69 -13.31
N GLU C 207 21.07 -59.90 -12.24
CA GLU C 207 20.27 -60.18 -11.06
C GLU C 207 18.81 -60.44 -11.46
N TYR C 208 18.33 -59.65 -12.42
CA TYR C 208 16.97 -59.76 -12.92
C TYR C 208 16.79 -60.96 -13.84
N GLU C 209 17.85 -61.31 -14.56
CA GLU C 209 17.79 -62.43 -15.51
C GLU C 209 17.82 -63.82 -14.88
N ARG C 210 18.22 -63.91 -13.61
CA ARG C 210 18.27 -65.21 -12.95
C ARG C 210 17.03 -65.48 -12.11
N HIS C 211 15.94 -64.77 -12.41
CA HIS C 211 14.69 -64.93 -11.69
C HIS C 211 13.54 -64.60 -12.64
N ASN C 212 12.57 -65.50 -12.74
CA ASN C 212 11.45 -65.28 -13.64
C ASN C 212 10.09 -65.14 -12.94
N SER C 213 10.09 -64.45 -11.80
CA SER C 213 8.86 -64.24 -11.04
C SER C 213 9.03 -63.11 -10.02
N TYR C 214 8.37 -61.99 -10.27
CA TYR C 214 8.43 -60.83 -9.40
C TYR C 214 7.04 -60.44 -8.95
N THR C 215 6.89 -60.14 -7.66
CA THR C 215 5.59 -59.78 -7.12
C THR C 215 5.66 -58.65 -6.10
N CYS C 216 4.60 -57.86 -6.01
CA CYS C 216 4.53 -56.76 -5.06
C CYS C 216 3.15 -56.74 -4.41
N GLU C 217 3.02 -57.45 -3.28
CA GLU C 217 1.77 -57.54 -2.55
C GLU C 217 1.49 -56.26 -1.76
N ALA C 218 0.25 -55.80 -1.83
CA ALA C 218 -0.15 -54.59 -1.13
C ALA C 218 -1.12 -54.91 0.01
N THR C 219 -0.66 -54.73 1.23
CA THR C 219 -1.47 -54.98 2.42
C THR C 219 -2.15 -53.68 2.86
N HIS C 220 -3.46 -53.60 2.66
CA HIS C 220 -4.21 -52.40 3.02
C HIS C 220 -5.54 -52.75 3.68
N LYS C 221 -6.02 -51.86 4.55
CA LYS C 221 -7.28 -52.03 5.25
C LYS C 221 -8.34 -52.66 4.36
N SER C 225 -6.82 -60.02 3.02
CA SER C 225 -6.00 -60.65 1.99
C SER C 225 -5.21 -59.61 1.20
N PRO C 226 -3.88 -59.72 1.20
CA PRO C 226 -3.00 -58.79 0.48
C PRO C 226 -3.14 -58.86 -1.04
N ILE C 227 -3.39 -57.71 -1.66
CA ILE C 227 -3.53 -57.64 -3.11
C ILE C 227 -2.23 -58.06 -3.77
N VAL C 228 -2.25 -59.17 -4.49
CA VAL C 228 -1.05 -59.67 -5.16
C VAL C 228 -1.08 -59.32 -6.64
N LYS C 229 0.11 -59.17 -7.23
CA LYS C 229 0.24 -58.86 -8.65
C LYS C 229 1.66 -59.13 -9.09
N SER C 230 1.80 -60.00 -10.09
CA SER C 230 3.12 -60.38 -10.59
C SER C 230 3.17 -60.67 -12.08
N PHE C 231 4.34 -61.10 -12.53
CA PHE C 231 4.58 -61.44 -13.93
C PHE C 231 5.78 -62.38 -14.04
N GLY D 20 -4.45 -8.05 -13.50
CA GLY D 20 -4.26 -8.90 -12.29
C GLY D 20 -2.83 -8.88 -11.80
N VAL D 21 -2.64 -8.63 -10.51
CA VAL D 21 -1.31 -8.59 -9.92
C VAL D 21 -0.61 -9.92 -10.17
N GLN D 22 0.69 -9.87 -10.42
CA GLN D 22 1.45 -11.09 -10.68
C GLN D 22 2.94 -10.94 -10.40
N LEU D 23 3.45 -11.82 -9.54
CA LEU D 23 4.86 -11.81 -9.19
C LEU D 23 5.56 -12.98 -9.89
N GLN D 24 6.32 -12.66 -10.92
CA GLN D 24 7.03 -13.67 -11.70
C GLN D 24 8.44 -13.88 -11.18
N GLN D 25 8.68 -15.03 -10.55
CA GLN D 25 10.01 -15.34 -10.01
C GLN D 25 10.86 -16.16 -10.97
N SER D 26 12.15 -15.80 -11.04
CA SER D 26 13.09 -16.48 -11.93
C SER D 26 13.08 -17.99 -11.73
N GLY D 27 13.62 -18.71 -12.72
CA GLY D 27 13.66 -20.16 -12.66
C GLY D 27 14.55 -20.75 -11.58
N PRO D 28 14.67 -22.08 -11.54
CA PRO D 28 15.48 -22.84 -10.58
C PRO D 28 16.97 -22.57 -10.68
N GLU D 29 17.68 -22.78 -9.57
CA GLU D 29 19.12 -22.56 -9.52
C GLU D 29 19.83 -23.74 -8.85
N LEU D 30 21.14 -23.81 -9.04
CA LEU D 30 21.97 -24.87 -8.46
C LEU D 30 23.39 -24.36 -8.29
N VAL D 31 23.81 -24.21 -7.03
CA VAL D 31 25.16 -23.73 -6.74
C VAL D 31 25.87 -24.59 -5.69
N LYS D 32 27.19 -24.54 -5.72
CA LYS D 32 28.02 -25.30 -4.79
C LYS D 32 28.19 -24.49 -3.51
N PRO D 33 28.31 -25.17 -2.35
CA PRO D 33 28.47 -24.43 -1.10
C PRO D 33 29.55 -23.35 -1.18
N GLY D 34 29.22 -22.17 -0.68
CA GLY D 34 30.15 -21.06 -0.71
C GLY D 34 29.92 -20.18 -1.93
N ALA D 35 29.15 -20.68 -2.88
CA ALA D 35 28.84 -19.94 -4.09
C ALA D 35 27.68 -18.98 -3.84
N SER D 36 27.56 -17.97 -4.71
CA SER D 36 26.50 -16.99 -4.58
C SER D 36 25.46 -17.10 -5.69
N VAL D 37 24.20 -16.87 -5.35
CA VAL D 37 23.12 -16.93 -6.31
C VAL D 37 22.24 -15.69 -6.16
N LYS D 38 21.73 -15.19 -7.28
CA LYS D 38 20.88 -14.01 -7.28
C LYS D 38 19.58 -14.31 -8.04
N MET D 39 18.45 -14.14 -7.38
CA MET D 39 17.16 -14.40 -8.00
C MET D 39 16.29 -13.14 -8.10
N SER D 40 15.41 -13.13 -9.10
CA SER D 40 14.52 -11.99 -9.33
C SER D 40 13.05 -12.23 -8.98
N CYS D 41 12.26 -11.17 -9.08
CA CYS D 41 10.83 -11.20 -8.76
C CYS D 41 10.18 -10.03 -9.50
N LYS D 42 9.79 -10.26 -10.75
CA LYS D 42 9.17 -9.22 -11.57
C LYS D 42 7.68 -9.04 -11.28
N ALA D 43 7.28 -7.79 -11.08
CA ALA D 43 5.88 -7.48 -10.76
C ALA D 43 5.09 -7.01 -11.99
N SER D 44 3.77 -7.07 -11.88
CA SER D 44 2.86 -6.66 -12.95
C SER D 44 1.45 -6.46 -12.41
N GLY D 45 0.68 -5.62 -13.09
CA GLY D 45 -0.70 -5.38 -12.67
C GLY D 45 -0.91 -4.46 -11.48
N TYR D 46 0.12 -3.72 -11.08
CA TYR D 46 -0.01 -2.80 -9.95
C TYR D 46 1.16 -1.81 -9.95
N SER D 47 1.07 -0.80 -9.09
CA SER D 47 2.12 0.20 -9.00
C SER D 47 3.29 -0.33 -8.17
N PHE D 48 4.34 -0.74 -8.87
CA PHE D 48 5.54 -1.29 -8.24
C PHE D 48 6.08 -0.54 -7.02
N THR D 49 6.33 0.75 -7.19
CA THR D 49 6.90 1.58 -6.12
C THR D 49 6.00 1.95 -4.95
N ASP D 50 4.77 1.45 -4.92
CA ASP D 50 3.86 1.77 -3.83
C ASP D 50 3.89 0.75 -2.70
N TYR D 51 4.51 -0.40 -2.95
CA TYR D 51 4.57 -1.44 -1.94
C TYR D 51 5.96 -1.85 -1.51
N PHE D 52 6.00 -2.84 -0.63
CA PHE D 52 7.25 -3.39 -0.10
C PHE D 52 7.29 -4.86 -0.52
N MET D 53 8.50 -5.37 -0.77
CA MET D 53 8.64 -6.76 -1.18
C MET D 53 9.48 -7.53 -0.18
N HIS D 54 8.91 -8.61 0.37
CA HIS D 54 9.64 -9.43 1.33
C HIS D 54 10.12 -10.70 0.65
N TRP D 55 11.03 -11.40 1.31
CA TRP D 55 11.55 -12.65 0.79
C TRP D 55 11.47 -13.72 1.86
N VAL D 56 10.65 -14.73 1.61
CA VAL D 56 10.46 -15.81 2.56
C VAL D 56 11.13 -17.09 2.11
N LYS D 57 11.67 -17.82 3.07
CA LYS D 57 12.35 -19.09 2.79
C LYS D 57 11.50 -20.21 3.34
N GLN D 58 11.51 -21.36 2.66
CA GLN D 58 10.73 -22.50 3.11
C GLN D 58 11.51 -23.79 2.90
N SER D 59 12.08 -24.31 3.99
CA SER D 59 12.87 -25.53 3.93
C SER D 59 12.05 -26.71 3.41
N HIS D 60 12.72 -27.74 2.91
CA HIS D 60 12.05 -28.92 2.39
C HIS D 60 10.94 -29.40 3.37
N GLY D 61 11.26 -29.30 4.67
CA GLY D 61 10.40 -29.73 5.76
C GLY D 61 9.04 -29.05 5.79
N LYS D 62 9.03 -27.84 5.23
CA LYS D 62 7.84 -27.01 5.07
C LYS D 62 7.73 -26.04 6.22
N SER D 63 8.78 -25.23 6.45
CA SER D 63 8.73 -24.24 7.52
C SER D 63 8.39 -22.91 6.83
N LEU D 64 8.87 -21.79 7.34
CA LEU D 64 8.62 -20.50 6.70
C LEU D 64 9.37 -19.39 7.44
N ASP D 65 10.60 -19.15 6.99
CA ASP D 65 11.45 -18.13 7.60
C ASP D 65 11.34 -16.78 6.90
N TRP D 66 11.53 -15.73 7.69
CA TRP D 66 11.49 -14.37 7.17
C TRP D 66 12.92 -13.95 6.89
N ILE D 67 13.15 -13.34 5.73
CA ILE D 67 14.50 -12.90 5.36
C ILE D 67 14.63 -11.38 5.48
N GLY D 68 13.54 -10.67 5.21
CA GLY D 68 13.54 -9.22 5.29
C GLY D 68 12.66 -8.61 4.23
N TYR D 69 12.81 -7.31 3.99
CA TYR D 69 12.00 -6.63 2.98
C TYR D 69 12.76 -5.53 2.24
N ILE D 70 12.13 -4.99 1.20
CA ILE D 70 12.72 -3.93 0.40
C ILE D 70 11.64 -2.87 0.16
N ASN D 71 12.06 -1.62 -0.02
CA ASN D 71 11.13 -0.51 -0.22
C ASN D 71 10.49 -0.39 -1.60
N CYS D 72 11.13 -0.91 -2.63
CA CYS D 72 10.60 -0.83 -3.99
C CYS D 72 10.60 0.58 -4.56
N TYR D 73 10.63 1.58 -3.68
CA TYR D 73 10.64 2.98 -4.12
C TYR D 73 11.95 3.68 -3.78
N THR D 74 12.27 3.75 -2.50
CA THR D 74 13.49 4.40 -2.06
C THR D 74 14.65 3.41 -2.00
N GLY D 75 14.32 2.13 -2.03
CA GLY D 75 15.35 1.11 -1.99
C GLY D 75 15.76 0.75 -0.58
N ALA D 76 15.23 1.47 0.41
CA ALA D 76 15.54 1.20 1.80
C ALA D 76 15.30 -0.29 2.06
N THR D 77 16.10 -0.89 2.94
CA THR D 77 15.95 -2.30 3.22
C THR D 77 16.13 -2.69 4.68
N ASN D 78 15.61 -3.86 5.02
CA ASN D 78 15.70 -4.41 6.38
C ASN D 78 15.73 -5.93 6.29
N TYR D 79 16.62 -6.54 7.05
CA TYR D 79 16.78 -7.99 7.04
C TYR D 79 16.49 -8.60 8.41
N SER D 80 16.69 -9.92 8.50
CA SER D 80 16.51 -10.64 9.75
C SER D 80 17.92 -10.91 10.24
N GLN D 81 18.19 -10.61 11.50
CA GLN D 81 19.53 -10.81 12.06
C GLN D 81 20.13 -12.17 11.72
N LYS D 82 19.27 -13.10 11.31
CA LYS D 82 19.71 -14.44 10.94
C LYS D 82 20.34 -14.50 9.55
N PHE D 83 19.66 -13.90 8.56
CA PHE D 83 20.14 -13.91 7.19
C PHE D 83 21.09 -12.76 6.86
N LYS D 84 21.26 -11.82 7.79
CA LYS D 84 22.14 -10.68 7.57
C LYS D 84 23.49 -11.06 6.97
N GLY D 85 24.06 -10.15 6.18
CA GLY D 85 25.34 -10.41 5.56
C GLY D 85 25.24 -11.39 4.41
N LYS D 86 24.34 -12.36 4.54
CA LYS D 86 24.15 -13.37 3.51
C LYS D 86 23.17 -12.91 2.43
N ALA D 87 22.07 -12.29 2.85
CA ALA D 87 21.05 -11.81 1.93
C ALA D 87 21.23 -10.32 1.63
N THR D 88 21.07 -9.95 0.36
CA THR D 88 21.20 -8.57 -0.06
C THR D 88 20.11 -8.24 -1.08
N PHE D 89 19.12 -7.46 -0.65
CA PHE D 89 18.02 -7.08 -1.53
C PHE D 89 18.38 -5.94 -2.46
N THR D 90 17.84 -5.99 -3.67
CA THR D 90 18.07 -4.98 -4.69
C THR D 90 16.75 -4.79 -5.42
N VAL D 91 16.56 -3.60 -6.01
CA VAL D 91 15.33 -3.33 -6.73
C VAL D 91 15.64 -2.54 -8.00
N ASP D 92 14.81 -2.71 -9.02
CA ASP D 92 15.00 -2.01 -10.28
C ASP D 92 13.67 -1.43 -10.75
N THR D 93 13.52 -0.12 -10.58
CA THR D 93 12.31 0.59 -10.94
C THR D 93 11.95 0.54 -12.42
N SER D 94 12.96 0.61 -13.28
CA SER D 94 12.72 0.59 -14.72
C SER D 94 12.13 -0.72 -15.24
N SER D 95 12.34 -1.81 -14.51
CA SER D 95 11.80 -3.10 -14.94
C SER D 95 10.86 -3.71 -13.90
N ASN D 96 10.50 -2.92 -12.89
CA ASN D 96 9.61 -3.40 -11.84
C ASN D 96 10.06 -4.77 -11.39
N THR D 97 11.34 -4.89 -11.05
CA THR D 97 11.91 -6.16 -10.62
C THR D 97 12.62 -6.08 -9.27
N ALA D 98 12.39 -7.10 -8.45
CA ALA D 98 13.01 -7.20 -7.13
C ALA D 98 14.07 -8.30 -7.22
N TYR D 99 15.21 -8.09 -6.55
CA TYR D 99 16.29 -9.07 -6.58
C TYR D 99 16.73 -9.46 -5.18
N MET D 100 17.40 -10.60 -5.08
CA MET D 100 17.92 -11.10 -3.82
C MET D 100 19.24 -11.82 -4.04
N GLN D 101 20.29 -11.33 -3.38
CA GLN D 101 21.63 -11.90 -3.50
C GLN D 101 21.93 -12.80 -2.30
N PHE D 102 22.31 -14.04 -2.58
CA PHE D 102 22.65 -14.99 -1.53
C PHE D 102 24.11 -15.38 -1.64
N ASN D 103 24.83 -15.29 -0.53
CA ASN D 103 26.26 -15.61 -0.52
C ASN D 103 26.59 -16.67 0.54
N SER D 104 27.79 -17.24 0.46
CA SER D 104 28.23 -18.26 1.40
C SER D 104 27.11 -19.26 1.66
N LEU D 105 26.63 -19.90 0.58
CA LEU D 105 25.55 -20.86 0.67
C LEU D 105 25.97 -22.23 1.18
N THR D 106 25.20 -22.76 2.13
CA THR D 106 25.46 -24.07 2.70
C THR D 106 24.36 -25.01 2.22
N SER D 107 24.29 -26.19 2.82
CA SER D 107 23.27 -27.17 2.45
C SER D 107 21.93 -26.84 3.08
N GLU D 108 21.97 -25.97 4.09
CA GLU D 108 20.76 -25.56 4.79
C GLU D 108 20.02 -24.49 3.99
N ASP D 109 20.68 -23.95 2.98
CA ASP D 109 20.09 -22.93 2.13
C ASP D 109 19.20 -23.57 1.07
N SER D 110 19.43 -24.85 0.80
CA SER D 110 18.64 -25.58 -0.19
C SER D 110 17.16 -25.61 0.19
N ALA D 111 16.43 -24.58 -0.24
CA ALA D 111 15.01 -24.48 0.04
C ALA D 111 14.33 -23.72 -1.08
N VAL D 112 13.05 -23.40 -0.88
CA VAL D 112 12.28 -22.65 -1.87
C VAL D 112 12.14 -21.21 -1.40
N TYR D 113 12.70 -20.29 -2.18
CA TYR D 113 12.63 -18.87 -1.84
C TYR D 113 11.51 -18.12 -2.54
N TYR D 114 10.67 -17.46 -1.74
CA TYR D 114 9.53 -16.71 -2.25
C TYR D 114 9.72 -15.21 -2.11
N CYS D 115 8.84 -14.46 -2.79
CA CYS D 115 8.84 -13.01 -2.72
C CYS D 115 7.39 -12.60 -2.65
N ALA D 116 7.00 -11.96 -1.56
CA ALA D 116 5.62 -11.53 -1.38
C ALA D 116 5.51 -10.01 -1.25
N ARG D 117 4.47 -9.45 -1.83
CA ARG D 117 4.24 -8.02 -1.77
C ARG D 117 3.31 -7.71 -0.60
N THR D 118 3.46 -6.52 -0.03
CA THR D 118 2.64 -6.09 1.11
C THR D 118 1.29 -5.57 0.67
N SER D 119 0.49 -5.15 1.65
CA SER D 119 -0.83 -4.59 1.40
C SER D 119 -0.69 -3.08 1.52
N ILE D 120 -1.61 -2.34 0.90
CA ILE D 120 -1.54 -0.88 0.95
C ILE D 120 -1.90 -0.33 2.33
N GLY D 121 -1.16 0.67 2.77
CA GLY D 121 -1.44 1.28 4.06
C GLY D 121 -0.68 0.67 5.23
N TYR D 122 -0.34 -0.62 5.13
CA TYR D 122 0.38 -1.30 6.20
C TYR D 122 1.86 -0.96 6.22
N GLY D 123 2.35 -0.44 5.10
CA GLY D 123 3.75 -0.08 5.04
C GLY D 123 4.61 -1.28 4.73
N SER D 124 5.62 -1.52 5.57
CA SER D 124 6.55 -2.62 5.37
C SER D 124 6.13 -3.92 6.04
N SER D 125 5.07 -3.87 6.84
CA SER D 125 4.61 -5.06 7.54
C SER D 125 3.57 -5.84 6.74
N PRO D 126 3.43 -7.13 7.04
CA PRO D 126 2.45 -7.97 6.35
C PRO D 126 1.04 -7.45 6.62
N PRO D 127 0.00 -8.15 6.14
CA PRO D 127 -0.04 -9.39 5.35
C PRO D 127 0.65 -9.34 3.99
N PHE D 128 0.65 -10.49 3.33
CA PHE D 128 1.25 -10.63 2.01
C PHE D 128 0.16 -11.12 1.05
N PRO D 129 -0.66 -10.20 0.53
CA PRO D 129 -1.75 -10.51 -0.39
C PRO D 129 -1.33 -11.33 -1.60
N TYR D 130 -0.11 -11.12 -2.07
CA TYR D 130 0.38 -11.85 -3.23
C TYR D 130 1.78 -12.43 -3.06
N TRP D 131 1.99 -13.62 -3.61
CA TRP D 131 3.26 -14.32 -3.55
C TRP D 131 3.75 -14.63 -4.96
N GLY D 132 5.02 -15.00 -5.08
CA GLY D 132 5.56 -15.31 -6.38
C GLY D 132 5.61 -16.80 -6.67
N GLN D 133 5.92 -17.15 -7.91
CA GLN D 133 6.01 -18.54 -8.33
C GLN D 133 6.70 -19.36 -7.26
N GLY D 134 7.89 -18.91 -6.89
CA GLY D 134 8.69 -19.59 -5.89
C GLY D 134 9.91 -20.13 -6.60
N THR D 135 11.10 -19.79 -6.09
CA THR D 135 12.34 -20.26 -6.70
C THR D 135 13.00 -21.37 -5.90
N LEU D 136 13.23 -22.51 -6.55
CA LEU D 136 13.87 -23.64 -5.90
C LEU D 136 15.39 -23.48 -6.00
N VAL D 137 16.08 -23.76 -4.90
CA VAL D 137 17.53 -23.65 -4.89
C VAL D 137 18.16 -24.89 -4.25
N THR D 138 19.07 -25.52 -4.98
CA THR D 138 19.75 -26.70 -4.49
C THR D 138 21.25 -26.42 -4.38
N VAL D 139 21.80 -26.63 -3.19
CA VAL D 139 23.22 -26.40 -2.95
C VAL D 139 23.92 -27.73 -2.69
N SER D 140 24.91 -28.04 -3.52
CA SER D 140 25.66 -29.28 -3.37
C SER D 140 26.78 -29.38 -4.40
N ALA D 141 27.71 -30.30 -4.18
CA ALA D 141 28.83 -30.50 -5.08
C ALA D 141 28.51 -31.52 -6.16
N ALA D 142 27.39 -32.23 -5.99
CA ALA D 142 26.98 -33.24 -6.96
C ALA D 142 26.89 -32.63 -8.36
N LYS D 143 27.31 -33.40 -9.36
CA LYS D 143 27.30 -32.94 -10.74
C LYS D 143 25.91 -33.17 -11.34
N THR D 144 25.42 -32.16 -12.07
CA THR D 144 24.12 -32.23 -12.71
C THR D 144 24.08 -33.31 -13.79
N THR D 145 23.25 -34.32 -13.58
CA THR D 145 23.12 -35.43 -14.53
C THR D 145 21.73 -35.52 -15.13
N PRO D 146 21.64 -35.69 -16.47
CA PRO D 146 20.35 -35.79 -17.15
C PRO D 146 19.66 -37.10 -16.79
N PRO D 147 18.31 -37.11 -16.81
CA PRO D 147 17.52 -38.30 -16.48
C PRO D 147 17.42 -39.35 -17.58
N SER D 148 17.17 -40.59 -17.17
CA SER D 148 17.01 -41.70 -18.10
C SER D 148 15.54 -42.10 -18.03
N VAL D 149 14.80 -41.75 -19.07
CA VAL D 149 13.37 -42.04 -19.12
C VAL D 149 13.07 -43.42 -19.69
N TYR D 150 12.37 -44.24 -18.91
CA TYR D 150 12.03 -45.59 -19.33
C TYR D 150 10.51 -45.78 -19.37
N PRO D 151 9.99 -46.34 -20.47
CA PRO D 151 8.56 -46.58 -20.64
C PRO D 151 8.05 -47.75 -19.81
N LEU D 152 6.92 -47.57 -19.17
CA LEU D 152 6.34 -48.62 -18.34
C LEU D 152 5.05 -49.16 -18.95
N ALA D 153 5.16 -50.22 -19.75
CA ALA D 153 4.00 -50.82 -20.39
C ALA D 153 3.61 -52.09 -19.63
N PRO D 154 2.31 -52.29 -19.39
CA PRO D 154 1.78 -53.45 -18.68
C PRO D 154 2.37 -54.77 -19.19
N GLY D 155 2.86 -55.58 -18.26
CA GLY D 155 3.46 -56.85 -18.62
C GLY D 155 2.48 -57.80 -19.29
N SER D 156 2.50 -57.83 -20.62
CA SER D 156 1.64 -58.70 -21.43
C SER D 156 0.36 -59.12 -20.69
N SER D 162 -11.37 -52.35 -17.97
CA SER D 162 -11.72 -51.28 -18.90
C SER D 162 -10.72 -50.15 -18.84
N MET D 163 -9.92 -50.13 -17.77
CA MET D 163 -8.92 -49.10 -17.58
C MET D 163 -7.51 -49.70 -17.59
N VAL D 164 -6.60 -49.07 -18.32
CA VAL D 164 -5.22 -49.55 -18.38
C VAL D 164 -4.26 -48.49 -17.87
N THR D 165 -3.43 -48.87 -16.90
CA THR D 165 -2.47 -47.94 -16.32
C THR D 165 -1.11 -48.09 -17.00
N LEU D 166 -0.52 -46.95 -17.35
CA LEU D 166 0.79 -46.94 -18.00
C LEU D 166 1.64 -45.93 -17.24
N GLY D 167 2.91 -45.79 -17.62
CA GLY D 167 3.75 -44.85 -16.93
C GLY D 167 5.15 -44.67 -17.51
N CYS D 168 5.96 -43.90 -16.80
CA CYS D 168 7.33 -43.63 -17.19
C CYS D 168 8.20 -43.59 -15.96
N LEU D 169 9.45 -44.02 -16.12
CA LEU D 169 10.39 -44.07 -15.01
C LEU D 169 11.57 -43.14 -15.30
N VAL D 170 11.59 -42.00 -14.62
CA VAL D 170 12.66 -41.02 -14.78
C VAL D 170 13.71 -41.32 -13.72
N LYS D 171 14.75 -42.05 -14.10
CA LYS D 171 15.79 -42.44 -13.16
C LYS D 171 17.14 -41.77 -13.36
N GLY D 172 17.89 -41.65 -12.26
CA GLY D 172 19.21 -41.07 -12.29
C GLY D 172 19.39 -39.67 -12.84
N TYR D 173 18.87 -38.67 -12.15
CA TYR D 173 19.03 -37.29 -12.60
C TYR D 173 19.35 -36.37 -11.44
N PHE D 174 19.95 -35.22 -11.76
CA PHE D 174 20.30 -34.25 -10.74
C PHE D 174 20.58 -32.89 -11.38
N PRO D 175 20.05 -31.81 -10.78
CA PRO D 175 19.23 -31.84 -9.57
C PRO D 175 17.76 -31.62 -9.93
N GLU D 176 16.95 -31.35 -8.92
CA GLU D 176 15.53 -31.10 -9.13
C GLU D 176 15.42 -29.73 -9.82
N PRO D 177 14.28 -29.46 -10.47
CA PRO D 177 13.12 -30.34 -10.61
C PRO D 177 13.08 -31.04 -11.96
N VAL D 178 11.92 -31.61 -12.27
CA VAL D 178 11.70 -32.33 -13.52
C VAL D 178 10.21 -32.22 -13.89
N THR D 179 9.94 -31.76 -15.10
CA THR D 179 8.57 -31.61 -15.57
C THR D 179 8.17 -32.79 -16.44
N VAL D 180 7.12 -33.50 -16.04
CA VAL D 180 6.64 -34.65 -16.79
C VAL D 180 5.15 -34.53 -17.10
N THR D 181 4.82 -34.53 -18.39
CA THR D 181 3.44 -34.41 -18.83
C THR D 181 3.13 -35.57 -19.78
N TRP D 182 1.84 -35.73 -20.11
CA TRP D 182 1.42 -36.79 -21.01
C TRP D 182 0.73 -36.24 -22.25
N ASN D 183 1.21 -36.66 -23.42
CA ASN D 183 0.65 -36.22 -24.70
C ASN D 183 0.71 -34.69 -24.79
N SER D 184 1.77 -34.12 -24.23
CA SER D 184 1.97 -32.68 -24.23
C SER D 184 0.86 -31.93 -23.49
N GLY D 185 0.42 -32.48 -22.37
CA GLY D 185 -0.61 -31.84 -21.58
C GLY D 185 -2.01 -32.33 -21.90
N SER D 186 -2.18 -32.99 -23.03
CA SER D 186 -3.48 -33.51 -23.44
C SER D 186 -4.10 -34.32 -22.31
N LEU D 187 -3.39 -35.35 -21.86
CA LEU D 187 -3.86 -36.20 -20.77
C LEU D 187 -3.59 -35.53 -19.44
N SER D 188 -4.65 -35.23 -18.70
CA SER D 188 -4.51 -34.58 -17.40
C SER D 188 -5.22 -35.39 -16.33
N SER D 189 -6.15 -36.25 -16.76
CA SER D 189 -6.90 -37.08 -15.83
C SER D 189 -6.21 -38.41 -15.55
N GLY D 190 -6.41 -38.93 -14.34
CA GLY D 190 -5.82 -40.20 -13.97
C GLY D 190 -4.30 -40.23 -13.99
N VAL D 191 -3.69 -39.06 -13.91
CA VAL D 191 -2.23 -38.95 -13.92
C VAL D 191 -1.69 -38.75 -12.52
N HIS D 192 -0.69 -39.55 -12.15
CA HIS D 192 -0.06 -39.48 -10.84
C HIS D 192 1.46 -39.40 -10.94
N THR D 193 2.01 -38.22 -10.68
CA THR D 193 3.46 -38.01 -10.73
C THR D 193 3.97 -37.99 -9.29
N PHE D 194 4.78 -38.98 -8.94
CA PHE D 194 5.31 -39.10 -7.60
C PHE D 194 6.57 -38.29 -7.34
N PRO D 195 6.74 -37.83 -6.09
CA PRO D 195 7.90 -37.04 -5.66
C PRO D 195 9.19 -37.81 -5.90
N ALA D 196 10.23 -37.13 -6.35
CA ALA D 196 11.51 -37.77 -6.61
C ALA D 196 12.13 -38.20 -5.28
N VAL D 197 12.96 -39.23 -5.34
CA VAL D 197 13.64 -39.75 -4.16
C VAL D 197 15.14 -39.77 -4.41
N LEU D 198 15.94 -39.63 -3.36
CA LEU D 198 17.39 -39.62 -3.49
C LEU D 198 18.07 -40.98 -3.37
N GLN D 199 18.99 -41.24 -4.29
CA GLN D 199 19.76 -42.48 -4.32
C GLN D 199 21.25 -42.14 -4.23
N SER D 200 21.60 -41.35 -3.22
CA SER D 200 22.99 -40.93 -3.02
C SER D 200 23.41 -39.90 -4.07
N ASP D 201 22.88 -38.69 -3.93
CA ASP D 201 23.18 -37.59 -4.85
C ASP D 201 22.70 -37.87 -6.26
N LEU D 202 21.44 -38.28 -6.39
CA LEU D 202 20.85 -38.58 -7.69
C LEU D 202 19.40 -39.01 -7.51
N TYR D 203 18.49 -38.27 -8.15
CA TYR D 203 17.05 -38.52 -8.06
C TYR D 203 16.48 -39.56 -9.01
N THR D 204 15.32 -40.09 -8.63
CA THR D 204 14.59 -41.08 -9.42
C THR D 204 13.10 -40.81 -9.23
N LEU D 205 12.41 -40.54 -10.33
CA LEU D 205 10.99 -40.23 -10.30
C LEU D 205 10.15 -41.08 -11.25
N SER D 206 8.89 -41.29 -10.89
CA SER D 206 7.97 -42.07 -11.71
C SER D 206 6.62 -41.39 -11.86
N SER D 207 5.89 -41.75 -12.92
CA SER D 207 4.59 -41.16 -13.19
C SER D 207 3.70 -42.19 -13.89
N SER D 208 2.46 -42.31 -13.42
CA SER D 208 1.51 -43.26 -14.02
C SER D 208 0.33 -42.53 -14.62
N VAL D 209 -0.36 -43.17 -15.55
CA VAL D 209 -1.53 -42.57 -16.19
C VAL D 209 -2.60 -43.61 -16.55
N THR D 210 -3.77 -43.47 -15.94
CA THR D 210 -4.87 -44.40 -16.20
C THR D 210 -5.72 -43.88 -17.34
N VAL D 211 -5.94 -44.74 -18.34
CA VAL D 211 -6.73 -44.42 -19.52
C VAL D 211 -7.59 -45.63 -19.89
N PRO D 212 -8.81 -45.40 -20.40
CA PRO D 212 -9.65 -46.54 -20.78
C PRO D 212 -8.92 -47.50 -21.72
N SER D 213 -9.15 -48.79 -21.54
CA SER D 213 -8.49 -49.81 -22.35
C SER D 213 -8.93 -49.84 -23.83
N SER D 214 -8.91 -48.69 -24.47
CA SER D 214 -9.27 -48.59 -25.87
C SER D 214 -8.38 -47.59 -26.61
N PRO D 215 -8.14 -46.41 -26.03
CA PRO D 215 -7.28 -45.44 -26.73
C PRO D 215 -5.83 -45.93 -26.73
N ARG D 216 -5.65 -47.17 -26.32
CA ARG D 216 -4.32 -47.78 -26.26
C ARG D 216 -4.47 -49.30 -26.32
N PRO D 217 -3.65 -49.97 -27.13
CA PRO D 217 -2.60 -49.41 -27.99
C PRO D 217 -3.12 -48.61 -29.18
N SER D 218 -4.42 -48.70 -29.44
CA SER D 218 -5.04 -47.98 -30.56
C SER D 218 -4.47 -46.58 -30.76
N GLU D 219 -4.64 -45.73 -29.75
CA GLU D 219 -4.14 -44.36 -29.83
C GLU D 219 -2.80 -44.23 -29.11
N THR D 220 -2.02 -43.24 -29.51
CA THR D 220 -0.70 -43.02 -28.92
C THR D 220 -0.72 -42.42 -27.52
N VAL D 221 0.23 -42.85 -26.70
CA VAL D 221 0.38 -42.37 -25.33
C VAL D 221 1.87 -42.14 -25.09
N THR D 222 2.21 -40.90 -24.74
CA THR D 222 3.60 -40.56 -24.51
C THR D 222 3.78 -39.66 -23.30
N CYS D 223 4.91 -39.79 -22.62
CA CYS D 223 5.20 -38.94 -21.46
C CYS D 223 6.28 -37.97 -21.88
N ASN D 224 6.13 -36.71 -21.48
CA ASN D 224 7.08 -35.67 -21.81
C ASN D 224 7.78 -35.22 -20.54
N VAL D 225 9.03 -35.64 -20.37
CA VAL D 225 9.80 -35.28 -19.19
C VAL D 225 10.93 -34.32 -19.56
N ALA D 226 11.03 -33.22 -18.82
CA ALA D 226 12.05 -32.22 -19.07
C ALA D 226 12.90 -31.93 -17.83
N HIS D 227 14.21 -31.83 -18.04
CA HIS D 227 15.14 -31.55 -16.97
C HIS D 227 15.86 -30.26 -17.31
N PRO D 228 15.29 -29.11 -16.93
CA PRO D 228 15.86 -27.79 -17.19
C PRO D 228 17.34 -27.72 -16.86
N ALA D 229 17.71 -28.23 -15.68
CA ALA D 229 19.09 -28.21 -15.22
C ALA D 229 20.07 -28.62 -16.32
N SER D 230 19.71 -29.64 -17.09
CA SER D 230 20.57 -30.12 -18.16
C SER D 230 20.00 -29.80 -19.54
N SER D 231 18.94 -29.00 -19.57
CA SER D 231 18.31 -28.62 -20.81
C SER D 231 17.85 -29.86 -21.60
N THR D 232 17.51 -30.90 -20.86
CA THR D 232 17.06 -32.16 -21.46
C THR D 232 15.54 -32.19 -21.55
N LYS D 233 15.04 -32.64 -22.69
CA LYS D 233 13.59 -32.73 -22.90
C LYS D 233 13.34 -33.87 -23.87
N VAL D 234 12.94 -35.02 -23.35
CA VAL D 234 12.69 -36.19 -24.18
C VAL D 234 11.26 -36.73 -24.04
N ASP D 235 10.73 -37.26 -25.14
CA ASP D 235 9.40 -37.83 -25.17
C ASP D 235 9.55 -39.34 -25.32
N LYS D 236 8.67 -40.09 -24.66
CA LYS D 236 8.76 -41.55 -24.74
C LYS D 236 7.41 -42.20 -24.99
N LYS D 237 7.29 -42.84 -26.16
CA LYS D 237 6.05 -43.50 -26.54
C LYS D 237 5.93 -44.86 -25.84
N ILE D 238 4.82 -45.05 -25.13
CA ILE D 238 4.59 -46.30 -24.42
C ILE D 238 3.97 -47.33 -25.36
N VAL D 239 4.81 -48.18 -25.91
CA VAL D 239 4.37 -49.23 -26.82
C VAL D 239 4.22 -50.55 -26.06
N PRO D 240 3.36 -51.46 -26.56
CA PRO D 240 3.16 -52.75 -25.91
C PRO D 240 4.45 -53.55 -25.84
N ARG D 241 4.50 -54.52 -24.93
CA ARG D 241 5.69 -55.35 -24.79
C ARG D 241 5.73 -56.45 -25.84
S SO4 E . -4.09 -4.54 -1.68
O1 SO4 E . -5.10 -5.20 -2.53
O2 SO4 E . -4.66 -3.28 -1.15
O3 SO4 E . -3.73 -5.43 -0.56
O4 SO4 E . -2.90 -4.23 -2.48
#